data_5A55
#
_entry.id   5A55
#
_cell.length_a   76.260
_cell.length_b   89.130
_cell.length_c   88.570
_cell.angle_alpha   90.00
_cell.angle_beta   110.91
_cell.angle_gamma   90.00
#
_symmetry.space_group_name_H-M   'P 1 21 1'
#
loop_
_entity.id
_entity.type
_entity.pdbx_description
1 polymer ENDO-ALPHA-N-ACETYLGALACTOSAMINIDASE
2 non-polymer 'CALCIUM ION'
3 non-polymer 'MANGANESE (II) ION'
4 non-polymer 1,2-ETHANEDIOL
5 water water
#
_entity_poly.entity_id   1
_entity_poly.type   'polypeptide(L)'
_entity_poly.pdbx_seq_one_letter_code
;SHMEKETGPEVDDSKVTYDTIQSKVLKAVIDQAFPRVKEYSLNGHTLPGQVQQFNQVFINNHRITPEVTYKKINETTAEY
LMKLRDDAHLINAEMTVRLQVVDNQLHFDVTKIVNHNQVTPGQKIDDESKLLSSISFLGNALVSVSSDQTGAKFDGATMS
NNTHVSGDDHIDVTNPMKDLAKGYMYGFVSTDKLAAGVWSNSQNSYGGGSNDWTRLTAYKETVGNANYVGIHSSEWQWEK
AYKGIVFPEYTKELPSAKVVITEDANADKNVDWQDGAIAYRSIMNNPQGWEKVKDITAYRIAMNFGSQAQNPFLMTLDGI
KKINLHTDGLGQGVLLKGYGSEGHDSGHLNYADIGKRIGGVEDFKTLIEKAKKYGAHLGIHVNASETYPESKYFNEKILR
KNPDGSYSYGWNWLDQGINIDAAYDLAHGRLARWEDLKKKLGDGLDFIYVDVWGNGQSGDNGAWATHVLAKEINKQGWRF
AIEWGHGGEYDSTFHHWAADLTYGGYTNKGINSAITRFIRNHQKDAWVGDYRSYGGAANYPLLGGYSMKDFEGWQGRSDY
NGYVTNLFAHDVMTKYFQHFTVSKWENGTPVTMTDNGSTYKWTPEMRVELVDADNNKVVVTRKSNDVNSPQYRERTVTLN
GRVIQDGSAYLTPWNWDANGKKLSTDKEKMYYFNTQAGATTWTLPSDWAKSKVYLYKLTDQGKTEEQELTVKDGKITLDL
LANQPYVLYRSKQTNPEMSWSEGMHIYDQGFNSGTLKHWTISGDASKAEIVKSQGANDMLRIQGNKEKVSLTQKLTGLKP
NTKYAVYVGVDNRSNAKASITVNTGEKEVTTYTNKSLALNYVKAYAHNTRRNNATVDDTSYFQNMYAFFTTGADVSNVTL
TLSREAGDEATYFDEIRTFENNSSMYGDKHDTGKGTFKQDFENVAQGIFPFVVGGVEGVEDNRTHLSEKHDPYTQRGWNG
KKVDDVIEGNWSLKTNGLVSRRNLVYQTIPQNFRFEAGKTYRVTFEYEAGSDNTYAFVVGKGEFQSGRRGTQASNLEMHE
LPNTWTDSKKAKKATFLVTGAETGDTWVGIYSTGNASNTRGDSGGNANFRGYNDFMMDNLQIEEITLTGKML
;
_entity_poly.pdbx_strand_id   A
#
# COMPACT_ATOMS: atom_id res chain seq x y z
N SER A 1 32.47 -8.72 -36.88
CA SER A 1 33.86 -9.07 -37.30
C SER A 1 34.47 -8.00 -38.21
N HIS A 2 33.70 -6.95 -38.51
CA HIS A 2 34.17 -5.82 -39.36
C HIS A 2 35.01 -4.79 -38.65
N MET A 3 34.95 -4.80 -37.31
CA MET A 3 35.86 -3.98 -36.50
C MET A 3 37.12 -4.78 -36.13
N GLU A 4 38.18 -4.10 -35.70
CA GLU A 4 39.48 -4.75 -35.48
C GLU A 4 39.35 -5.76 -34.36
N LYS A 5 39.83 -6.97 -34.57
CA LYS A 5 39.83 -7.96 -33.51
C LYS A 5 40.63 -7.42 -32.33
N GLU A 6 40.18 -7.71 -31.11
CA GLU A 6 40.84 -7.17 -29.92
C GLU A 6 41.80 -8.16 -29.32
N THR A 7 42.79 -7.62 -28.62
CA THR A 7 43.88 -8.40 -28.09
C THR A 7 44.21 -7.95 -26.66
N GLY A 8 44.56 -8.89 -25.78
CA GLY A 8 44.87 -8.54 -24.40
C GLY A 8 45.98 -9.35 -23.79
N PRO A 9 46.40 -9.02 -22.55
CA PRO A 9 47.46 -9.82 -21.93
C PRO A 9 47.02 -11.26 -21.86
N GLU A 10 47.94 -12.19 -22.10
CA GLU A 10 47.65 -13.61 -22.06
C GLU A 10 47.57 -14.11 -20.62
N VAL A 11 47.00 -15.28 -20.45
CA VAL A 11 47.01 -15.92 -19.14
C VAL A 11 48.31 -16.71 -18.92
N ASP A 12 48.90 -16.49 -17.76
CA ASP A 12 50.04 -17.26 -17.32
C ASP A 12 49.76 -17.70 -15.89
N ASP A 13 49.25 -18.90 -15.69
CA ASP A 13 49.04 -19.34 -14.31
C ASP A 13 49.75 -20.65 -14.11
N SER A 14 50.95 -20.77 -14.71
CA SER A 14 51.74 -22.00 -14.64
C SER A 14 52.32 -22.22 -13.24
N LYS A 15 52.54 -21.13 -12.49
CA LYS A 15 53.04 -21.22 -11.11
C LYS A 15 51.92 -21.24 -10.04
N VAL A 16 50.66 -21.26 -10.44
CA VAL A 16 49.56 -21.16 -9.47
C VAL A 16 49.26 -22.54 -8.87
N THR A 17 49.03 -22.60 -7.57
CA THR A 17 48.60 -23.85 -6.97
C THR A 17 47.05 -23.87 -6.95
N TYR A 18 46.45 -24.78 -7.72
CA TYR A 18 44.99 -24.92 -7.77
C TYR A 18 44.50 -26.08 -6.95
N ASP A 19 43.35 -25.93 -6.29
CA ASP A 19 42.75 -27.08 -5.61
C ASP A 19 41.35 -27.28 -6.23
N THR A 20 40.66 -28.37 -5.90
CA THR A 20 39.34 -28.55 -6.45
C THR A 20 38.38 -28.74 -5.28
N ILE A 21 37.27 -27.99 -5.31
CA ILE A 21 36.13 -28.29 -4.42
C ILE A 21 34.96 -28.80 -5.29
N GLN A 22 34.27 -29.82 -4.83
CA GLN A 22 33.25 -30.41 -5.73
C GLN A 22 32.17 -31.13 -4.99
N SER A 23 30.96 -30.99 -5.51
CA SER A 23 29.84 -31.83 -5.14
C SER A 23 29.79 -33.01 -6.10
N LYS A 24 28.73 -33.82 -6.02
CA LYS A 24 28.55 -34.87 -7.01
C LYS A 24 28.35 -34.38 -8.45
N VAL A 25 27.87 -33.16 -8.63
CA VAL A 25 27.60 -32.72 -9.99
C VAL A 25 28.48 -31.57 -10.46
N LEU A 26 29.01 -30.79 -9.53
CA LEU A 26 29.74 -29.56 -9.91
C LEU A 26 31.15 -29.55 -9.33
N LYS A 27 32.14 -29.31 -10.19
CA LYS A 27 33.54 -29.10 -9.74
C LYS A 27 33.93 -27.67 -9.99
N ALA A 28 34.61 -27.07 -9.02
CA ALA A 28 35.19 -25.74 -9.19
C ALA A 28 36.68 -25.84 -8.90
N VAL A 29 37.49 -25.41 -9.86
CA VAL A 29 38.93 -25.33 -9.63
C VAL A 29 39.26 -23.93 -9.10
N ILE A 30 39.91 -23.88 -7.94
CA ILE A 30 40.13 -22.64 -7.22
C ILE A 30 41.61 -22.39 -6.89
N ASP A 31 42.02 -21.12 -6.92
CA ASP A 31 43.40 -20.74 -6.61
C ASP A 31 43.59 -20.79 -5.09
N GLN A 32 44.64 -21.43 -4.61
CA GLN A 32 44.83 -21.43 -3.17
C GLN A 32 45.31 -20.08 -2.67
N ALA A 33 45.76 -19.22 -3.57
CA ALA A 33 46.36 -17.94 -3.15
C ALA A 33 45.36 -16.81 -2.94
N PHE A 34 44.14 -17.00 -3.44
CA PHE A 34 43.11 -15.96 -3.49
C PHE A 34 41.80 -16.66 -3.82
N PRO A 35 40.66 -16.19 -3.28
CA PRO A 35 39.39 -16.89 -3.56
C PRO A 35 38.82 -16.64 -4.97
N ARG A 36 39.50 -17.23 -5.95
CA ARG A 36 39.20 -17.10 -7.36
C ARG A 36 38.87 -18.47 -7.91
N VAL A 37 37.77 -18.55 -8.66
CA VAL A 37 37.39 -19.78 -9.35
C VAL A 37 37.96 -19.72 -10.77
N LYS A 38 38.81 -20.69 -11.11
CA LYS A 38 39.37 -20.75 -12.44
C LYS A 38 38.31 -21.26 -13.40
N GLU A 39 37.61 -22.33 -13.01
CA GLU A 39 36.70 -22.96 -13.95
C GLU A 39 35.71 -23.85 -13.23
N TYR A 40 34.47 -23.82 -13.73
CA TYR A 40 33.39 -24.71 -13.29
C TYR A 40 33.25 -25.83 -14.30
N SER A 41 32.97 -27.04 -13.81
CA SER A 41 32.77 -28.17 -14.68
C SER A 41 31.50 -28.91 -14.25
N LEU A 42 30.59 -29.14 -15.20
CA LEU A 42 29.33 -29.84 -14.88
C LEU A 42 28.95 -30.67 -16.10
N ASN A 43 28.71 -31.96 -15.85
CA ASN A 43 28.41 -32.91 -16.92
C ASN A 43 29.34 -32.83 -18.14
N GLY A 44 30.64 -32.66 -17.86
CA GLY A 44 31.63 -32.62 -18.92
C GLY A 44 31.74 -31.30 -19.66
N HIS A 45 30.92 -30.32 -19.26
CA HIS A 45 30.88 -29.01 -19.92
C HIS A 45 31.50 -27.98 -18.99
N THR A 46 32.00 -26.86 -19.53
CA THR A 46 32.67 -25.94 -18.62
C THR A 46 32.25 -24.48 -18.77
N LEU A 47 32.39 -23.71 -17.69
CA LEU A 47 32.41 -22.25 -17.76
C LEU A 47 33.58 -21.70 -16.95
N PRO A 48 34.27 -20.69 -17.49
CA PRO A 48 35.38 -20.08 -16.76
C PRO A 48 34.84 -19.26 -15.59
N GLY A 49 35.70 -19.01 -14.60
CA GLY A 49 35.39 -18.08 -13.50
C GLY A 49 36.05 -16.74 -13.82
N GLN A 50 37.19 -16.48 -13.17
CA GLN A 50 38.05 -15.32 -13.49
C GLN A 50 39.36 -15.91 -14.01
N VAL A 51 39.64 -15.81 -15.31
CA VAL A 51 40.81 -16.51 -15.87
C VAL A 51 42.13 -15.76 -15.61
N GLN A 52 42.06 -14.43 -15.60
CA GLN A 52 43.22 -13.56 -15.42
C GLN A 52 43.34 -13.17 -13.93
N GLN A 53 44.42 -13.59 -13.29
CA GLN A 53 44.58 -13.32 -11.84
C GLN A 53 44.53 -11.82 -11.54
N PHE A 54 43.81 -11.48 -10.49
CA PHE A 54 43.72 -10.12 -9.99
C PHE A 54 43.64 -10.26 -8.47
N ASN A 55 44.81 -10.41 -7.84
CA ASN A 55 44.88 -10.79 -6.42
C ASN A 55 44.87 -9.55 -5.53
N GLN A 56 43.86 -8.71 -5.76
CA GLN A 56 43.67 -7.46 -5.03
C GLN A 56 42.20 -7.30 -4.71
N VAL A 57 41.90 -6.63 -3.59
CA VAL A 57 40.52 -6.25 -3.27
C VAL A 57 40.51 -4.74 -3.05
N PHE A 58 39.32 -4.15 -2.94
CA PHE A 58 39.26 -2.72 -2.61
C PHE A 58 38.56 -2.60 -1.29
N ILE A 59 39.25 -1.97 -0.33
CA ILE A 59 38.75 -1.80 1.03
C ILE A 59 38.63 -0.30 1.25
N ASN A 60 37.41 0.17 1.53
CA ASN A 60 37.12 1.60 1.62
C ASN A 60 37.63 2.30 0.38
N ASN A 61 37.48 1.64 -0.78
CA ASN A 61 37.98 2.14 -2.06
C ASN A 61 39.50 2.16 -2.25
N HIS A 62 40.24 1.55 -1.34
CA HIS A 62 41.71 1.53 -1.48
C HIS A 62 42.11 0.17 -1.98
N ARG A 63 42.92 0.15 -3.03
CA ARG A 63 43.45 -1.12 -3.52
C ARG A 63 44.40 -1.71 -2.48
N ILE A 64 44.16 -2.97 -2.13
CA ILE A 64 44.91 -3.69 -1.11
C ILE A 64 45.29 -5.04 -1.71
N THR A 65 46.54 -5.47 -1.47
CA THR A 65 46.94 -6.84 -1.74
C THR A 65 46.80 -7.64 -0.45
N PRO A 66 45.74 -8.47 -0.32
CA PRO A 66 45.57 -9.16 0.96
C PRO A 66 46.66 -10.22 1.17
N GLU A 67 46.99 -10.49 2.43
CA GLU A 67 47.87 -11.59 2.79
C GLU A 67 46.98 -12.79 3.13
N VAL A 68 47.07 -13.82 2.30
CA VAL A 68 46.07 -14.87 2.27
C VAL A 68 46.65 -16.21 2.72
N THR A 69 45.95 -16.90 3.58
CA THR A 69 46.28 -18.28 3.88
C THR A 69 45.08 -19.15 3.57
N TYR A 70 45.35 -20.35 3.05
CA TYR A 70 44.31 -21.22 2.53
C TYR A 70 44.13 -22.42 3.43
N LYS A 71 42.88 -22.86 3.61
CA LYS A 71 42.65 -24.23 4.09
C LYS A 71 41.45 -24.93 3.47
N LYS A 72 41.70 -26.18 3.14
CA LYS A 72 40.69 -27.04 2.59
C LYS A 72 39.96 -27.61 3.79
N ILE A 73 38.69 -27.27 3.90
CA ILE A 73 37.85 -27.72 5.01
C ILE A 73 37.32 -29.13 4.77
N ASN A 74 36.82 -29.39 3.57
CA ASN A 74 36.35 -30.73 3.20
C ASN A 74 36.23 -30.75 1.70
N GLU A 75 35.68 -31.82 1.14
CA GLU A 75 35.68 -31.98 -0.32
C GLU A 75 34.93 -30.84 -1.06
N THR A 76 33.98 -30.20 -0.37
CA THR A 76 33.14 -29.15 -1.02
C THR A 76 33.52 -27.71 -0.64
N THR A 77 34.46 -27.57 0.29
CA THR A 77 34.58 -26.31 1.03
C THR A 77 36.04 -25.90 1.26
N ALA A 78 36.35 -24.65 0.95
CA ALA A 78 37.69 -24.09 1.21
C ALA A 78 37.56 -22.74 1.92
N GLU A 79 38.52 -22.40 2.79
CA GLU A 79 38.51 -21.08 3.45
C GLU A 79 39.77 -20.30 3.19
N TYR A 80 39.62 -18.99 3.08
CA TYR A 80 40.73 -18.07 2.85
C TYR A 80 40.75 -17.04 3.96
N LEU A 81 41.78 -17.06 4.80
CA LEU A 81 41.96 -15.94 5.75
C LEU A 81 42.69 -14.83 5.03
N MET A 82 42.10 -13.63 5.01
CA MET A 82 42.63 -12.55 4.21
C MET A 82 42.94 -11.35 5.11
N LYS A 83 44.22 -11.12 5.38
CA LYS A 83 44.63 -10.02 6.24
C LYS A 83 44.79 -8.78 5.37
N LEU A 84 44.26 -7.68 5.89
CA LEU A 84 44.09 -6.45 5.15
C LEU A 84 44.77 -5.38 5.95
N ARG A 85 45.95 -4.95 5.52
CA ARG A 85 46.67 -3.93 6.29
C ARG A 85 47.18 -2.87 5.36
N ASP A 86 46.87 -1.62 5.67
CA ASP A 86 47.52 -0.50 5.02
C ASP A 86 47.50 0.67 6.01
N ASP A 87 48.59 0.82 6.73
CA ASP A 87 48.64 1.80 7.83
C ASP A 87 48.32 3.21 7.35
N ALA A 88 48.74 3.54 6.12
CA ALA A 88 48.54 4.93 5.63
C ALA A 88 47.07 5.31 5.52
N HIS A 89 46.22 4.31 5.28
CA HIS A 89 44.79 4.55 5.10
C HIS A 89 44.00 4.04 6.29
N LEU A 90 44.69 3.77 7.40
CA LEU A 90 44.08 3.23 8.61
C LEU A 90 43.28 1.96 8.39
N ILE A 91 43.76 1.09 7.49
CA ILE A 91 43.13 -0.21 7.32
C ILE A 91 43.95 -1.22 8.11
N ASN A 92 43.27 -1.88 9.04
CA ASN A 92 43.91 -2.94 9.81
C ASN A 92 42.81 -3.92 10.16
N ALA A 93 42.62 -4.89 9.27
CA ALA A 93 41.46 -5.77 9.37
C ALA A 93 41.77 -7.15 8.83
N GLU A 94 40.82 -8.08 9.02
CA GLU A 94 40.89 -9.38 8.39
C GLU A 94 39.51 -9.87 8.12
N MET A 95 39.38 -10.60 7.02
CA MET A 95 38.14 -11.26 6.69
C MET A 95 38.40 -12.69 6.23
N THR A 96 37.43 -13.55 6.44
CA THR A 96 37.53 -14.92 5.98
C THR A 96 36.52 -15.08 4.88
N VAL A 97 36.99 -15.59 3.74
CA VAL A 97 36.10 -15.96 2.64
C VAL A 97 36.01 -17.46 2.54
N ARG A 98 34.78 -17.96 2.54
CA ARG A 98 34.52 -19.38 2.33
CA ARG A 98 34.54 -19.38 2.31
C ARG A 98 33.99 -19.59 0.91
N LEU A 99 34.61 -20.52 0.18
CA LEU A 99 34.07 -20.99 -1.10
C LEU A 99 33.50 -22.39 -0.85
N GLN A 100 32.25 -22.58 -1.23
CA GLN A 100 31.60 -23.87 -1.02
C GLN A 100 30.72 -24.26 -2.21
N VAL A 101 30.87 -25.50 -2.65
CA VAL A 101 29.97 -26.06 -3.66
C VAL A 101 28.86 -26.84 -2.96
N VAL A 102 27.63 -26.53 -3.32
CA VAL A 102 26.47 -27.25 -2.81
C VAL A 102 25.64 -27.60 -4.04
N ASP A 103 25.55 -28.91 -4.34
CA ASP A 103 24.90 -29.38 -5.57
C ASP A 103 25.46 -28.59 -6.77
N ASN A 104 24.59 -27.91 -7.53
CA ASN A 104 25.07 -27.13 -8.72
C ASN A 104 25.32 -25.62 -8.46
N GLN A 105 25.60 -25.28 -7.19
CA GLN A 105 25.81 -23.91 -6.72
C GLN A 105 27.20 -23.73 -6.18
N LEU A 106 27.76 -22.54 -6.40
CA LEU A 106 28.95 -22.14 -5.69
C LEU A 106 28.60 -20.93 -4.84
N HIS A 107 28.98 -20.99 -3.57
CA HIS A 107 28.73 -19.95 -2.58
C HIS A 107 30.04 -19.26 -2.24
N PHE A 108 29.99 -17.93 -2.29
CA PHE A 108 31.11 -17.06 -1.93
C PHE A 108 30.60 -16.29 -0.72
N ASP A 109 31.16 -16.57 0.46
CA ASP A 109 30.69 -15.91 1.69
C ASP A 109 31.82 -15.29 2.43
N VAL A 110 31.66 -14.01 2.81
CA VAL A 110 32.56 -13.40 3.80
C VAL A 110 31.99 -13.81 5.16
N THR A 111 32.63 -14.76 5.83
CA THR A 111 31.98 -15.38 6.99
C THR A 111 32.33 -14.69 8.27
N LYS A 112 33.39 -13.89 8.27
CA LYS A 112 33.91 -13.36 9.51
C LYS A 112 34.69 -12.14 9.10
N ILE A 113 34.47 -11.02 9.81
CA ILE A 113 35.19 -9.77 9.53
C ILE A 113 35.70 -9.26 10.88
N VAL A 114 36.99 -8.93 10.96
CA VAL A 114 37.51 -8.33 12.20
C VAL A 114 38.12 -6.99 11.84
N ASN A 115 37.57 -5.90 12.36
CA ASN A 115 38.25 -4.61 12.22
C ASN A 115 39.08 -4.34 13.48
N HIS A 116 40.41 -4.34 13.35
CA HIS A 116 41.26 -4.03 14.50
C HIS A 116 41.17 -2.60 15.05
N ASN A 117 40.66 -1.65 14.27
CA ASN A 117 40.35 -0.32 14.82
C ASN A 117 39.17 -0.43 15.78
N GLN A 118 39.06 0.49 16.72
CA GLN A 118 37.97 0.40 17.67
C GLN A 118 36.77 1.09 17.08
N VAL A 119 35.76 0.30 16.77
CA VAL A 119 34.52 0.87 16.22
C VAL A 119 33.40 0.30 17.05
N THR A 120 32.46 1.14 17.48
CA THR A 120 31.32 0.60 18.23
C THR A 120 30.00 1.11 17.65
N PRO A 121 29.19 0.18 17.09
CA PRO A 121 27.91 0.58 16.52
C PRO A 121 27.17 1.40 17.55
N GLY A 122 26.60 2.53 17.15
CA GLY A 122 25.85 3.37 18.05
C GLY A 122 26.64 4.50 18.68
N GLN A 123 27.97 4.43 18.62
CA GLN A 123 28.83 5.43 19.29
C GLN A 123 29.44 6.39 18.29
N LYS A 124 29.98 7.50 18.78
CA LYS A 124 30.66 8.45 17.91
C LYS A 124 31.97 7.81 17.39
N ILE A 125 32.36 8.16 16.16
CA ILE A 125 33.68 7.78 15.64
C ILE A 125 34.37 9.08 15.19
N ASP A 126 35.61 9.26 15.62
CA ASP A 126 36.30 10.53 15.34
C ASP A 126 36.75 10.63 13.89
N ASP A 127 37.04 9.47 13.30
CA ASP A 127 37.60 9.45 11.96
C ASP A 127 36.97 8.29 11.21
N GLU A 128 36.16 8.60 10.20
CA GLU A 128 35.46 7.58 9.43
C GLU A 128 36.37 6.64 8.65
N SER A 129 37.61 7.03 8.39
CA SER A 129 38.50 6.09 7.72
C SER A 129 38.83 4.88 8.62
N LYS A 130 38.58 4.96 9.93
CA LYS A 130 38.76 3.82 10.83
C LYS A 130 37.74 2.71 10.62
N LEU A 131 36.60 3.05 10.03
CA LEU A 131 35.56 2.07 9.72
C LEU A 131 36.05 1.16 8.60
N LEU A 132 35.59 -0.09 8.60
CA LEU A 132 35.69 -0.99 7.46
C LEU A 132 34.33 -0.89 6.79
N SER A 133 34.23 0.05 5.85
CA SER A 133 32.92 0.44 5.37
C SER A 133 32.53 -0.22 4.04
N SER A 134 33.52 -0.56 3.20
CA SER A 134 33.22 -1.21 1.93
C SER A 134 34.25 -2.26 1.61
N ILE A 135 33.76 -3.35 1.01
CA ILE A 135 34.60 -4.48 0.57
C ILE A 135 34.17 -4.76 -0.86
N SER A 136 35.15 -4.67 -1.77
CA SER A 136 34.89 -4.89 -3.17
C SER A 136 35.84 -5.94 -3.77
N PHE A 137 35.25 -6.94 -4.42
CA PHE A 137 35.99 -7.88 -5.23
C PHE A 137 35.71 -7.61 -6.71
N LEU A 138 35.39 -6.37 -7.04
CA LEU A 138 35.40 -6.00 -8.47
C LEU A 138 36.78 -6.32 -9.05
N GLY A 139 36.80 -6.89 -10.24
CA GLY A 139 38.03 -7.38 -10.85
C GLY A 139 38.12 -8.89 -10.80
N ASN A 140 37.32 -9.54 -9.93
CA ASN A 140 37.26 -11.00 -9.94
C ASN A 140 35.87 -11.51 -10.33
N ALA A 141 35.69 -11.86 -11.59
CA ALA A 141 34.42 -12.44 -12.05
C ALA A 141 34.13 -13.71 -11.26
N LEU A 142 32.90 -13.86 -10.79
CA LEU A 142 32.47 -15.15 -10.18
C LEU A 142 32.22 -16.20 -11.25
N VAL A 143 31.86 -15.75 -12.45
CA VAL A 143 31.66 -16.66 -13.59
C VAL A 143 31.73 -15.81 -14.84
N SER A 144 32.16 -16.39 -15.95
CA SER A 144 32.28 -15.65 -17.18
C SER A 144 32.02 -16.57 -18.35
N VAL A 145 32.11 -16.02 -19.56
CA VAL A 145 32.04 -16.87 -20.76
C VAL A 145 32.98 -16.26 -21.77
N SER A 146 33.59 -17.09 -22.61
CA SER A 146 34.58 -16.58 -23.57
C SER A 146 34.03 -16.53 -24.99
N SER A 147 34.46 -15.55 -25.78
CA SER A 147 34.07 -15.48 -27.19
C SER A 147 34.52 -16.70 -28.02
N ASP A 148 35.48 -17.48 -27.53
CA ASP A 148 35.88 -18.72 -28.20
C ASP A 148 34.94 -19.89 -27.95
N GLN A 149 33.95 -19.70 -27.06
CA GLN A 149 33.00 -20.76 -26.74
C GLN A 149 31.77 -20.61 -27.66
N THR A 150 31.26 -21.71 -28.16
CA THR A 150 30.07 -21.68 -29.05
C THR A 150 28.83 -21.21 -28.28
N GLY A 151 28.07 -20.29 -28.89
CA GLY A 151 26.83 -19.81 -28.28
C GLY A 151 27.06 -18.89 -27.11
N ALA A 152 28.26 -18.30 -27.01
CA ALA A 152 28.62 -17.39 -25.89
C ALA A 152 27.76 -16.14 -25.86
N LYS A 153 27.11 -15.89 -24.73
CA LYS A 153 26.13 -14.78 -24.63
C LYS A 153 25.92 -14.36 -23.21
N PHE A 154 25.69 -13.07 -23.05
CA PHE A 154 25.38 -12.49 -21.76
C PHE A 154 23.95 -11.87 -21.79
N ASP A 155 23.18 -12.07 -20.73
CA ASP A 155 21.87 -11.42 -20.60
C ASP A 155 21.75 -10.81 -19.22
N GLY A 156 21.31 -9.57 -19.16
CA GLY A 156 21.28 -8.86 -17.90
C GLY A 156 20.07 -7.95 -17.84
N ALA A 157 19.59 -7.69 -16.63
CA ALA A 157 18.42 -6.85 -16.44
C ALA A 157 18.83 -5.61 -15.63
N THR A 158 18.35 -4.43 -16.07
CA THR A 158 18.45 -3.18 -15.30
C THR A 158 17.02 -2.60 -15.08
N MET A 159 16.88 -1.71 -14.10
CA MET A 159 15.56 -1.15 -13.79
C MET A 159 15.07 -0.21 -14.89
N SER A 160 13.92 -0.51 -15.48
CA SER A 160 13.21 0.41 -16.37
C SER A 160 11.74 0.42 -15.94
N ASN A 161 11.15 1.60 -15.92
CA ASN A 161 9.75 1.75 -15.53
C ASN A 161 8.96 2.37 -16.67
N ASN A 162 9.60 2.47 -17.82
CA ASN A 162 8.96 3.08 -19.00
C ASN A 162 8.45 1.91 -19.83
N THR A 163 7.16 1.89 -20.15
CA THR A 163 6.56 0.72 -20.81
C THR A 163 7.09 0.51 -22.23
N HIS A 164 7.73 1.55 -22.79
CA HIS A 164 8.33 1.44 -24.15
C HIS A 164 9.77 0.91 -24.15
N VAL A 165 10.38 0.82 -22.98
CA VAL A 165 11.82 0.59 -22.91
C VAL A 165 12.10 -0.62 -22.04
N SER A 166 12.51 -1.71 -22.66
CA SER A 166 12.88 -2.91 -21.88
C SER A 166 14.17 -2.63 -21.08
N GLY A 167 14.23 -3.12 -19.85
CA GLY A 167 15.43 -2.95 -19.04
C GLY A 167 16.50 -3.98 -19.38
N ASP A 168 16.22 -4.88 -20.33
CA ASP A 168 17.11 -6.04 -20.52
C ASP A 168 18.11 -5.83 -21.65
N ASP A 169 19.31 -6.35 -21.44
CA ASP A 169 20.34 -6.40 -22.47
C ASP A 169 20.59 -7.86 -22.83
N HIS A 170 20.70 -8.14 -24.14
CA HIS A 170 21.04 -9.47 -24.66
C HIS A 170 22.24 -9.26 -25.57
N ILE A 171 23.40 -9.73 -25.12
CA ILE A 171 24.67 -9.38 -25.78
C ILE A 171 25.39 -10.68 -26.17
N ASP A 172 25.67 -10.87 -27.47
CA ASP A 172 26.55 -11.99 -27.88
C ASP A 172 27.98 -11.65 -27.50
N VAL A 173 28.72 -12.63 -26.99
CA VAL A 173 30.08 -12.39 -26.55
C VAL A 173 30.99 -12.76 -27.73
N THR A 174 31.60 -11.74 -28.32
CA THR A 174 32.30 -11.91 -29.60
C THR A 174 33.60 -11.15 -29.53
N ASN A 175 34.50 -11.40 -30.48
CA ASN A 175 35.71 -10.61 -30.60
C ASN A 175 35.87 -10.16 -32.06
N PRO A 176 35.64 -8.89 -32.36
CA PRO A 176 35.44 -7.84 -31.37
C PRO A 176 33.99 -7.72 -30.82
N MET A 177 33.84 -6.93 -29.78
CA MET A 177 32.51 -6.51 -29.31
C MET A 177 32.61 -5.14 -28.64
N LYS A 178 31.45 -4.53 -28.39
CA LYS A 178 31.38 -3.23 -27.70
C LYS A 178 31.95 -3.37 -26.30
N ASP A 179 32.53 -2.30 -25.79
CA ASP A 179 32.91 -2.23 -24.38
C ASP A 179 31.71 -2.48 -23.47
N LEU A 180 31.98 -3.12 -22.33
CA LEU A 180 30.95 -3.41 -21.33
C LEU A 180 31.55 -3.25 -19.94
N ALA A 181 30.99 -2.34 -19.15
CA ALA A 181 31.38 -2.16 -17.76
C ALA A 181 30.13 -1.54 -17.14
N LYS A 182 29.27 -2.40 -16.58
CA LYS A 182 27.88 -1.96 -16.31
C LYS A 182 27.25 -2.72 -15.16
N GLY A 183 26.50 -1.99 -14.32
CA GLY A 183 25.78 -2.64 -13.21
C GLY A 183 24.51 -3.32 -13.70
N TYR A 184 24.19 -4.46 -13.08
CA TYR A 184 22.95 -5.19 -13.38
C TYR A 184 22.28 -5.67 -12.11
N MET A 185 20.97 -5.88 -12.17
CA MET A 185 20.23 -6.45 -11.05
C MET A 185 20.30 -7.97 -11.13
N TYR A 186 20.30 -8.48 -12.37
CA TYR A 186 20.31 -9.94 -12.67
C TYR A 186 21.21 -10.11 -13.87
N GLY A 187 21.99 -11.18 -13.88
CA GLY A 187 22.97 -11.36 -14.94
C GLY A 187 23.20 -12.83 -15.17
N PHE A 188 23.26 -13.20 -16.44
CA PHE A 188 23.51 -14.58 -16.87
C PHE A 188 24.58 -14.66 -17.96
N VAL A 189 25.45 -15.68 -17.89
CA VAL A 189 26.28 -16.02 -19.03
C VAL A 189 25.93 -17.44 -19.43
N SER A 190 26.06 -17.72 -20.71
CA SER A 190 25.79 -19.08 -21.19
C SER A 190 26.56 -19.36 -22.46
N THR A 191 26.76 -20.66 -22.72
CA THR A 191 27.18 -21.21 -23.99
C THR A 191 25.99 -22.01 -24.55
N ASP A 192 26.24 -22.86 -25.56
CA ASP A 192 25.19 -23.78 -25.98
C ASP A 192 25.06 -24.99 -25.04
N LYS A 193 25.92 -25.07 -24.04
CA LYS A 193 25.95 -26.24 -23.11
C LYS A 193 25.57 -25.93 -21.67
N LEU A 194 25.90 -24.73 -21.20
CA LEU A 194 25.70 -24.38 -19.79
C LEU A 194 25.28 -22.94 -19.63
N ALA A 195 24.45 -22.66 -18.62
CA ALA A 195 24.10 -21.29 -18.26
C ALA A 195 24.42 -21.12 -16.78
N ALA A 196 24.82 -19.91 -16.42
CA ALA A 196 25.16 -19.57 -15.06
C ALA A 196 24.39 -18.30 -14.68
N GLY A 197 23.86 -18.24 -13.47
CA GLY A 197 23.22 -17.01 -12.97
C GLY A 197 23.95 -16.66 -11.70
N VAL A 198 24.04 -15.35 -11.43
CA VAL A 198 24.76 -14.88 -10.25
C VAL A 198 23.87 -14.05 -9.34
N TRP A 199 23.91 -14.35 -8.05
CA TRP A 199 23.20 -13.57 -7.05
C TRP A 199 24.22 -12.91 -6.15
N SER A 200 23.92 -11.71 -5.67
CA SER A 200 24.72 -11.11 -4.59
C SER A 200 23.82 -10.31 -3.63
N ASN A 201 24.17 -10.27 -2.34
CA ASN A 201 23.43 -9.39 -1.40
C ASN A 201 23.98 -7.97 -1.34
N SER A 202 24.94 -7.68 -2.23
CA SER A 202 25.51 -6.32 -2.36
C SER A 202 24.42 -5.26 -2.52
N GLN A 203 24.41 -4.22 -1.67
CA GLN A 203 23.41 -3.17 -1.84
C GLN A 203 24.07 -1.94 -2.53
N ASN A 204 25.04 -2.23 -3.41
CA ASN A 204 25.63 -1.20 -4.28
C ASN A 204 24.62 -0.43 -5.13
N SER A 205 24.90 0.87 -5.33
CA SER A 205 24.19 1.64 -6.33
C SER A 205 25.19 2.49 -7.11
N TYR A 206 25.07 2.52 -8.42
CA TYR A 206 25.87 3.42 -9.23
C TYR A 206 25.12 4.70 -9.58
N GLY A 207 23.89 4.88 -9.06
CA GLY A 207 23.12 6.08 -9.37
C GLY A 207 21.64 5.73 -9.35
N GLY A 208 20.81 6.67 -9.79
CA GLY A 208 19.36 6.44 -9.83
C GLY A 208 18.98 5.64 -11.05
N GLY A 209 17.69 5.36 -11.22
CA GLY A 209 17.22 4.73 -12.45
C GLY A 209 17.90 3.40 -12.73
N SER A 210 18.28 3.17 -13.98
CA SER A 210 18.88 1.90 -14.40
C SER A 210 20.27 1.65 -13.76
N ASN A 211 20.83 2.67 -13.10
CA ASN A 211 22.07 2.51 -12.35
C ASN A 211 21.89 2.01 -10.94
N ASP A 212 20.63 1.85 -10.51
CA ASP A 212 20.35 1.45 -9.12
C ASP A 212 20.10 -0.05 -9.03
N TRP A 213 20.16 -0.58 -7.81
CA TRP A 213 19.87 -2.00 -7.52
C TRP A 213 20.94 -2.83 -8.23
N THR A 214 22.10 -2.21 -8.45
CA THR A 214 23.14 -2.79 -9.30
C THR A 214 24.06 -3.67 -8.46
N ARG A 215 23.50 -4.81 -8.01
CA ARG A 215 24.18 -5.77 -7.12
C ARG A 215 25.28 -6.58 -7.85
N LEU A 216 25.21 -6.60 -9.18
CA LEU A 216 26.23 -7.26 -10.01
C LEU A 216 26.85 -6.19 -10.89
N THR A 217 28.08 -6.45 -11.35
CA THR A 217 28.69 -5.62 -12.41
C THR A 217 29.25 -6.58 -13.44
N ALA A 218 28.91 -6.37 -14.72
CA ALA A 218 29.43 -7.20 -15.78
C ALA A 218 30.55 -6.42 -16.47
N TYR A 219 31.64 -7.12 -16.79
CA TYR A 219 32.76 -6.47 -17.45
C TYR A 219 33.25 -7.32 -18.60
N LYS A 220 33.52 -6.66 -19.73
CA LYS A 220 34.28 -7.28 -20.80
C LYS A 220 35.74 -7.26 -20.40
N GLU A 221 36.44 -8.38 -20.57
CA GLU A 221 37.89 -8.38 -20.37
C GLU A 221 38.50 -9.15 -21.52
N THR A 222 39.43 -8.50 -22.22
CA THR A 222 40.12 -9.13 -23.34
C THR A 222 41.34 -9.83 -22.79
N VAL A 223 41.38 -11.14 -23.02
CA VAL A 223 42.41 -12.02 -22.50
C VAL A 223 42.96 -12.75 -23.73
N GLY A 224 44.24 -12.52 -24.06
CA GLY A 224 44.80 -13.10 -25.29
C GLY A 224 44.02 -12.64 -26.52
N ASN A 225 43.54 -13.62 -27.29
CA ASN A 225 42.76 -13.43 -28.50
C ASN A 225 41.24 -13.48 -28.26
N ALA A 226 40.84 -13.55 -26.99
CA ALA A 226 39.44 -13.78 -26.66
C ALA A 226 38.85 -12.62 -25.87
N ASN A 227 37.54 -12.38 -26.03
CA ASN A 227 36.82 -11.51 -25.10
C ASN A 227 36.04 -12.35 -24.08
N TYR A 228 36.18 -12.02 -22.79
CA TYR A 228 35.34 -12.63 -21.78
C TYR A 228 34.32 -11.60 -21.35
N VAL A 229 33.10 -12.03 -21.10
CA VAL A 229 32.17 -11.21 -20.28
C VAL A 229 32.01 -11.96 -18.98
N GLY A 230 32.36 -11.27 -17.89
CA GLY A 230 32.38 -11.82 -16.55
C GLY A 230 31.39 -11.09 -15.69
N ILE A 231 30.79 -11.81 -14.76
CA ILE A 231 29.82 -11.23 -13.83
C ILE A 231 30.46 -11.20 -12.45
N HIS A 232 30.62 -9.98 -11.94
CA HIS A 232 31.28 -9.74 -10.67
C HIS A 232 30.23 -9.31 -9.67
N SER A 233 30.44 -9.58 -8.39
CA SER A 233 29.58 -8.92 -7.39
C SER A 233 29.98 -7.47 -7.31
N SER A 234 29.00 -6.57 -7.17
CA SER A 234 29.33 -5.17 -6.93
C SER A 234 29.77 -5.05 -5.49
N GLU A 235 30.30 -3.88 -5.15
CA GLU A 235 30.89 -3.63 -3.84
C GLU A 235 29.87 -3.90 -2.72
N TRP A 236 30.33 -4.46 -1.61
CA TRP A 236 29.46 -4.68 -0.45
C TRP A 236 29.69 -3.59 0.60
N GLN A 237 28.69 -3.36 1.44
CA GLN A 237 28.76 -2.36 2.50
C GLN A 237 28.93 -3.06 3.84
N TRP A 238 29.58 -2.37 4.78
CA TRP A 238 29.77 -2.98 6.10
C TRP A 238 29.55 -1.95 7.23
N GLU A 239 30.61 -1.48 7.87
CA GLU A 239 30.48 -0.46 8.93
C GLU A 239 30.28 0.93 8.34
N LYS A 240 29.16 1.55 8.64
CA LYS A 240 28.85 2.89 8.11
C LYS A 240 28.43 3.84 9.23
N ALA A 241 28.59 5.13 8.96
CA ALA A 241 28.27 6.15 9.96
C ALA A 241 27.57 7.31 9.29
N TYR A 242 26.90 8.13 10.10
CA TYR A 242 26.30 9.37 9.62
C TYR A 242 26.64 10.52 10.58
N LYS A 243 27.33 11.54 10.05
CA LYS A 243 27.73 12.68 10.84
C LYS A 243 28.47 12.21 12.08
N GLY A 244 29.32 11.22 11.86
CA GLY A 244 30.18 10.69 12.90
C GLY A 244 29.60 9.58 13.75
N ILE A 245 28.28 9.38 13.74
CA ILE A 245 27.69 8.37 14.62
C ILE A 245 27.62 7.06 13.84
N VAL A 246 28.18 5.99 14.39
CA VAL A 246 28.17 4.69 13.73
C VAL A 246 26.76 4.11 13.84
N PHE A 247 26.29 3.58 12.71
CA PHE A 247 24.97 3.01 12.63
C PHE A 247 24.84 1.77 13.50
N PRO A 248 23.59 1.36 13.79
CA PRO A 248 23.40 0.19 14.63
C PRO A 248 23.97 -1.09 14.00
N GLU A 249 24.25 -2.07 14.85
CA GLU A 249 24.80 -3.36 14.39
C GLU A 249 23.96 -4.06 13.30
N TYR A 250 22.63 -4.04 13.45
CA TYR A 250 21.80 -4.76 12.46
C TYR A 250 21.96 -4.21 11.02
N THR A 251 22.54 -3.03 10.87
CA THR A 251 22.79 -2.53 9.51
C THR A 251 23.98 -3.23 8.82
N LYS A 252 24.73 -4.03 9.55
CA LYS A 252 25.86 -4.73 8.93
C LYS A 252 25.37 -6.11 8.50
N GLU A 253 25.46 -6.40 7.21
CA GLU A 253 25.06 -7.72 6.74
C GLU A 253 26.28 -8.37 6.09
N LEU A 254 26.60 -9.61 6.47
CA LEU A 254 27.82 -10.23 5.93
C LEU A 254 27.68 -10.40 4.42
N PRO A 255 28.68 -9.95 3.66
CA PRO A 255 28.71 -10.17 2.20
C PRO A 255 28.52 -11.62 1.80
N SER A 256 27.61 -11.84 0.83
CA SER A 256 27.40 -13.16 0.24
C SER A 256 27.11 -13.05 -1.25
N ALA A 257 27.58 -14.01 -2.02
CA ALA A 257 27.19 -14.14 -3.43
C ALA A 257 27.09 -15.62 -3.77
N LYS A 258 26.36 -15.93 -4.83
CA LYS A 258 26.21 -17.32 -5.26
C LYS A 258 26.19 -17.38 -6.77
N VAL A 259 26.72 -18.47 -7.31
CA VAL A 259 26.62 -18.77 -8.76
C VAL A 259 25.83 -20.09 -8.83
N VAL A 260 24.99 -20.25 -9.84
CA VAL A 260 24.35 -21.56 -10.06
C VAL A 260 24.64 -21.93 -11.51
N ILE A 261 24.97 -23.20 -11.75
CA ILE A 261 25.36 -23.70 -13.09
C ILE A 261 24.34 -24.74 -13.55
N THR A 262 23.80 -24.60 -14.75
CA THR A 262 22.75 -25.49 -15.18
C THR A 262 22.82 -25.86 -16.68
N GLU A 263 22.41 -27.08 -16.97
CA GLU A 263 22.07 -27.44 -18.33
C GLU A 263 20.61 -27.06 -18.60
N ASP A 264 20.07 -27.51 -19.74
CA ASP A 264 18.69 -27.22 -20.12
C ASP A 264 17.77 -27.55 -18.95
N ALA A 265 16.96 -26.56 -18.58
CA ALA A 265 16.12 -26.68 -17.41
C ALA A 265 14.63 -26.55 -17.75
N ASN A 266 14.30 -26.28 -19.01
CA ASN A 266 12.88 -26.18 -19.45
C ASN A 266 12.55 -27.07 -20.64
N ALA A 267 13.45 -28.01 -20.91
CA ALA A 267 13.23 -29.07 -21.88
C ALA A 267 13.00 -28.53 -23.30
N ASP A 268 13.47 -27.32 -23.60
CA ASP A 268 13.37 -26.84 -24.97
C ASP A 268 14.59 -27.18 -25.84
N LYS A 269 15.54 -27.88 -25.22
CA LYS A 269 16.78 -28.34 -25.88
C LYS A 269 17.76 -27.22 -26.27
N ASN A 270 17.54 -26.00 -25.76
CA ASN A 270 18.43 -24.86 -26.00
C ASN A 270 18.95 -24.50 -24.60
N VAL A 271 20.18 -24.05 -24.50
CA VAL A 271 20.65 -23.51 -23.22
C VAL A 271 20.80 -22.00 -23.35
N ASP A 272 20.08 -21.27 -22.50
CA ASP A 272 20.15 -19.82 -22.57
C ASP A 272 19.82 -19.21 -21.20
N TRP A 273 19.62 -17.89 -21.17
CA TRP A 273 19.36 -17.20 -19.90
C TRP A 273 18.13 -17.76 -19.16
N GLN A 274 17.15 -18.30 -19.91
CA GLN A 274 15.93 -18.81 -19.24
C GLN A 274 16.23 -20.00 -18.35
N ASP A 275 17.17 -20.85 -18.78
CA ASP A 275 17.58 -21.96 -17.93
C ASP A 275 18.30 -21.44 -16.70
N GLY A 276 19.16 -20.45 -16.92
CA GLY A 276 19.86 -19.77 -15.86
C GLY A 276 18.88 -19.14 -14.88
N ALA A 277 17.83 -18.52 -15.41
CA ALA A 277 16.81 -17.87 -14.55
C ALA A 277 16.02 -18.86 -13.71
N ILE A 278 15.66 -20.01 -14.30
CA ILE A 278 15.01 -21.06 -13.51
C ILE A 278 15.91 -21.46 -12.37
N ALA A 279 17.17 -21.75 -12.68
CA ALA A 279 18.10 -22.27 -11.67
C ALA A 279 18.38 -21.20 -10.58
N TYR A 280 18.37 -19.95 -11.02
CA TYR A 280 18.61 -18.79 -10.15
C TYR A 280 17.66 -18.71 -8.97
N ARG A 281 16.44 -19.23 -9.11
CA ARG A 281 15.48 -19.20 -7.99
C ARG A 281 16.00 -19.98 -6.80
N SER A 282 16.90 -20.95 -7.00
CA SER A 282 17.47 -21.72 -5.87
C SER A 282 18.60 -20.99 -5.10
N ILE A 283 19.11 -19.88 -5.64
CA ILE A 283 20.19 -19.13 -5.00
C ILE A 283 19.79 -17.70 -4.60
N MET A 284 18.61 -17.25 -5.04
CA MET A 284 18.27 -15.82 -4.93
C MET A 284 17.70 -15.46 -3.57
N ASN A 285 17.84 -14.20 -3.16
CA ASN A 285 17.05 -13.70 -2.03
C ASN A 285 15.57 -13.77 -2.45
N ASN A 286 14.72 -13.95 -1.46
CA ASN A 286 13.29 -13.96 -1.65
C ASN A 286 12.68 -12.88 -0.76
N PRO A 287 11.95 -11.91 -1.34
CA PRO A 287 11.38 -10.85 -0.49
C PRO A 287 10.40 -11.44 0.52
N GLN A 288 10.56 -11.06 1.79
CA GLN A 288 9.84 -11.75 2.84
C GLN A 288 8.33 -11.57 2.66
N GLY A 289 7.58 -12.65 2.81
CA GLY A 289 6.13 -12.57 2.65
C GLY A 289 5.70 -12.92 1.23
N TRP A 290 6.66 -13.19 0.35
CA TRP A 290 6.32 -13.38 -1.06
C TRP A 290 5.29 -14.49 -1.32
N GLU A 291 5.34 -15.58 -0.51
CA GLU A 291 4.43 -16.73 -0.71
C GLU A 291 2.97 -16.32 -0.67
N LYS A 292 2.67 -15.28 0.10
CA LYS A 292 1.29 -14.83 0.29
C LYS A 292 0.75 -14.14 -0.97
N VAL A 293 1.66 -13.54 -1.74
CA VAL A 293 1.26 -12.61 -2.84
C VAL A 293 0.24 -13.26 -3.79
N LYS A 294 0.47 -14.52 -4.15
CA LYS A 294 -0.31 -15.18 -5.19
C LYS A 294 -1.78 -15.32 -4.80
N ASP A 295 -2.06 -15.30 -3.49
CA ASP A 295 -3.45 -15.44 -3.05
C ASP A 295 -4.09 -14.14 -2.56
N ILE A 296 -3.31 -13.06 -2.59
CA ILE A 296 -3.90 -11.73 -2.32
C ILE A 296 -4.46 -11.18 -3.62
N THR A 297 -5.71 -11.56 -3.91
CA THR A 297 -6.32 -11.23 -5.20
C THR A 297 -7.05 -9.90 -5.18
N ALA A 298 -7.59 -9.53 -4.01
CA ALA A 298 -8.35 -8.31 -3.89
C ALA A 298 -7.64 -7.30 -2.96
N TYR A 299 -6.75 -6.50 -3.56
CA TYR A 299 -6.14 -5.37 -2.88
C TYR A 299 -7.04 -4.13 -2.98
N ARG A 300 -7.01 -3.31 -1.92
CA ARG A 300 -7.62 -1.98 -1.95
C ARG A 300 -7.16 -1.20 -0.70
N ILE A 301 -7.54 0.08 -0.67
CA ILE A 301 -7.24 0.97 0.46
C ILE A 301 -8.51 1.36 1.17
N ALA A 302 -8.51 1.30 2.50
CA ALA A 302 -9.58 1.88 3.30
C ALA A 302 -9.00 3.09 4.03
N MET A 303 -9.63 4.26 3.82
CA MET A 303 -9.02 5.55 4.20
C MET A 303 -9.73 6.22 5.37
N ASN A 304 -8.91 6.76 6.28
CA ASN A 304 -9.36 7.67 7.31
C ASN A 304 -8.57 8.94 7.21
N PHE A 305 -9.22 10.05 7.50
CA PHE A 305 -8.60 11.33 7.32
C PHE A 305 -9.25 12.43 8.18
N GLY A 306 -8.41 13.30 8.76
CA GLY A 306 -8.86 14.56 9.35
C GLY A 306 -9.83 14.43 10.54
N SER A 307 -9.64 13.38 11.34
CA SER A 307 -10.42 13.16 12.56
C SER A 307 -11.81 12.61 12.29
N GLN A 308 -12.16 12.35 11.02
CA GLN A 308 -13.51 11.99 10.63
C GLN A 308 -13.87 10.53 10.89
N ALA A 309 -12.88 9.64 11.00
CA ALA A 309 -13.19 8.23 11.25
C ALA A 309 -14.19 7.66 10.23
N GLN A 310 -13.91 7.93 8.95
CA GLN A 310 -14.74 7.46 7.83
C GLN A 310 -14.82 5.94 7.80
N ASN A 311 -13.75 5.27 8.21
CA ASN A 311 -13.68 3.82 8.12
C ASN A 311 -13.12 3.21 9.39
N PRO A 312 -13.96 3.07 10.42
CA PRO A 312 -13.56 2.43 11.69
C PRO A 312 -13.07 1.01 11.40
N PHE A 313 -12.14 0.54 12.21
CA PHE A 313 -11.54 -0.79 12.02
C PHE A 313 -12.59 -1.90 11.86
N LEU A 314 -13.63 -1.89 12.70
CA LEU A 314 -14.62 -2.97 12.64
C LEU A 314 -15.52 -2.87 11.40
N MET A 315 -15.67 -1.66 10.87
CA MET A 315 -16.37 -1.48 9.57
C MET A 315 -15.66 -2.13 8.40
N THR A 316 -14.33 -2.05 8.40
CA THR A 316 -13.52 -2.67 7.36
C THR A 316 -13.75 -4.20 7.28
N LEU A 317 -14.04 -4.80 8.41
CA LEU A 317 -14.37 -6.24 8.43
C LEU A 317 -15.67 -6.51 7.65
N ASP A 318 -16.65 -5.61 7.71
CA ASP A 318 -17.84 -5.76 6.86
C ASP A 318 -17.54 -5.68 5.35
N GLY A 319 -16.65 -4.76 4.95
CA GLY A 319 -16.25 -4.73 3.55
C GLY A 319 -15.52 -6.02 3.15
N ILE A 320 -14.71 -6.58 4.06
CA ILE A 320 -14.05 -7.87 3.83
C ILE A 320 -15.11 -8.97 3.61
N LYS A 321 -16.14 -8.97 4.46
CA LYS A 321 -17.23 -9.96 4.28
C LYS A 321 -17.96 -9.79 2.93
N LYS A 322 -18.25 -8.55 2.53
CA LYS A 322 -18.89 -8.27 1.23
C LYS A 322 -18.05 -8.86 0.11
N ILE A 323 -16.76 -8.55 0.10
CA ILE A 323 -15.87 -9.08 -0.95
C ILE A 323 -15.73 -10.61 -0.88
N ASN A 324 -15.68 -11.16 0.34
CA ASN A 324 -15.68 -12.60 0.51
C ASN A 324 -16.88 -13.26 -0.19
N LEU A 325 -18.09 -12.72 0.02
CA LEU A 325 -19.28 -13.30 -0.56
C LEU A 325 -19.26 -13.15 -2.08
N HIS A 326 -18.92 -11.95 -2.52
CA HIS A 326 -18.97 -11.61 -3.92
C HIS A 326 -17.94 -12.35 -4.75
N THR A 327 -16.80 -12.73 -4.15
CA THR A 327 -15.78 -13.46 -4.93
C THR A 327 -15.73 -14.96 -4.61
N ASP A 328 -16.64 -15.41 -3.73
CA ASP A 328 -16.64 -16.79 -3.25
C ASP A 328 -15.24 -17.14 -2.68
N GLY A 329 -14.73 -16.26 -1.83
CA GLY A 329 -13.58 -16.65 -1.04
C GLY A 329 -12.22 -16.38 -1.66
N LEU A 330 -12.10 -15.33 -2.45
CA LEU A 330 -10.77 -14.90 -2.89
C LEU A 330 -10.09 -14.11 -1.77
N GLY A 331 -8.77 -14.24 -1.68
CA GLY A 331 -7.99 -13.57 -0.66
C GLY A 331 -7.89 -12.07 -0.90
N GLN A 332 -7.59 -11.35 0.19
CA GLN A 332 -7.71 -9.89 0.20
C GLN A 332 -6.53 -9.23 0.88
N GLY A 333 -6.26 -7.98 0.48
CA GLY A 333 -5.24 -7.19 1.13
C GLY A 333 -5.75 -5.79 1.24
N VAL A 334 -6.01 -5.36 2.48
CA VAL A 334 -6.57 -4.03 2.68
C VAL A 334 -5.53 -3.15 3.34
N LEU A 335 -5.15 -2.10 2.63
CA LEU A 335 -4.16 -1.16 3.14
C LEU A 335 -4.92 -0.07 3.88
N LEU A 336 -4.63 0.06 5.17
CA LEU A 336 -5.31 1.02 6.03
C LEU A 336 -4.53 2.33 6.03
N LYS A 337 -4.95 3.21 5.14
CA LYS A 337 -4.32 4.51 4.99
C LYS A 337 -5.07 5.48 5.90
N GLY A 338 -4.46 5.80 7.02
CA GLY A 338 -5.13 6.53 8.09
C GLY A 338 -5.43 5.65 9.30
N TYR A 339 -4.76 4.51 9.42
CA TYR A 339 -4.89 3.62 10.59
C TYR A 339 -4.46 4.28 11.90
N GLY A 340 -3.63 5.34 11.81
CA GLY A 340 -3.00 5.91 12.98
C GLY A 340 -3.45 7.35 13.25
N SER A 341 -3.25 7.79 14.50
CA SER A 341 -3.42 9.20 14.84
C SER A 341 -4.83 9.63 14.37
N GLU A 342 -4.94 10.83 13.82
CA GLU A 342 -6.22 11.38 13.34
C GLU A 342 -6.58 10.95 11.93
N GLY A 343 -5.72 10.13 11.31
CA GLY A 343 -5.95 9.60 9.97
C GLY A 343 -4.72 9.73 9.06
N HIS A 344 -4.98 9.74 7.75
CA HIS A 344 -3.90 9.77 6.77
C HIS A 344 -3.17 11.10 6.85
N ASP A 345 -1.84 11.04 6.86
CA ASP A 345 -1.03 12.25 6.95
C ASP A 345 -1.37 13.07 8.19
N SER A 346 -1.64 12.36 9.27
CA SER A 346 -1.56 12.94 10.65
C SER A 346 -0.58 12.07 11.44
N GLY A 347 0.17 12.69 12.35
CA GLY A 347 0.90 11.95 13.39
C GLY A 347 2.05 11.06 12.94
N HIS A 348 2.60 11.38 11.76
CA HIS A 348 3.60 10.52 11.17
C HIS A 348 4.80 10.28 12.08
N LEU A 349 5.34 9.07 11.95
CA LEU A 349 6.54 8.53 12.63
C LEU A 349 6.13 7.80 13.88
N ASN A 350 5.00 8.19 14.48
CA ASN A 350 4.55 7.50 15.69
C ASN A 350 3.72 6.29 15.28
N TYR A 351 4.43 5.26 14.84
CA TYR A 351 3.80 4.08 14.24
C TYR A 351 2.88 3.34 15.22
N ALA A 352 3.20 3.39 16.50
CA ALA A 352 2.43 2.71 17.53
C ALA A 352 1.12 3.46 17.93
N ASP A 353 0.96 4.69 17.46
CA ASP A 353 -0.23 5.49 17.80
C ASP A 353 -1.39 5.06 16.91
N ILE A 354 -2.05 3.96 17.26
CA ILE A 354 -3.20 3.46 16.51
C ILE A 354 -4.37 4.44 16.72
N GLY A 355 -5.10 4.79 15.65
CA GLY A 355 -6.17 5.80 15.74
C GLY A 355 -7.25 5.50 16.76
N LYS A 356 -7.37 6.39 17.74
CA LYS A 356 -8.40 6.20 18.76
C LYS A 356 -9.80 6.33 18.20
N ARG A 357 -10.02 7.29 17.30
CA ARG A 357 -11.40 7.57 16.85
C ARG A 357 -11.95 6.48 15.92
N ILE A 358 -11.08 5.59 15.44
CA ILE A 358 -11.53 4.46 14.61
C ILE A 358 -11.59 3.14 15.40
N GLY A 359 -11.26 3.20 16.69
CA GLY A 359 -11.44 2.05 17.57
C GLY A 359 -10.19 1.56 18.28
N GLY A 360 -9.07 2.20 18.00
CA GLY A 360 -7.86 1.95 18.74
C GLY A 360 -7.29 0.57 18.55
N VAL A 361 -6.29 0.25 19.35
CA VAL A 361 -5.58 -1.04 19.24
C VAL A 361 -6.52 -2.23 19.44
N GLU A 362 -7.56 -2.07 20.26
CA GLU A 362 -8.42 -3.22 20.53
C GLU A 362 -9.22 -3.62 19.29
N ASP A 363 -9.83 -2.66 18.61
CA ASP A 363 -10.56 -2.95 17.36
C ASP A 363 -9.63 -3.37 16.22
N PHE A 364 -8.43 -2.81 16.18
CA PHE A 364 -7.45 -3.20 15.15
C PHE A 364 -7.05 -4.67 15.35
N LYS A 365 -6.74 -5.04 16.58
CA LYS A 365 -6.47 -6.47 16.86
C LYS A 365 -7.63 -7.38 16.47
N THR A 366 -8.85 -6.96 16.76
CA THR A 366 -10.03 -7.75 16.37
C THR A 366 -10.18 -7.89 14.85
N LEU A 367 -10.02 -6.76 14.14
CA LEU A 367 -10.06 -6.76 12.69
C LEU A 367 -9.05 -7.77 12.14
N ILE A 368 -7.80 -7.70 12.61
CA ILE A 368 -6.75 -8.60 12.12
C ILE A 368 -7.12 -10.08 12.34
N GLU A 369 -7.47 -10.40 13.58
CA GLU A 369 -7.80 -11.79 13.93
C GLU A 369 -9.01 -12.33 13.14
N LYS A 370 -10.09 -11.55 13.11
CA LYS A 370 -11.32 -12.01 12.49
C LYS A 370 -11.23 -12.05 10.96
N ALA A 371 -10.33 -11.25 10.39
CA ALA A 371 -10.18 -11.23 8.94
C ALA A 371 -9.48 -12.50 8.44
N LYS A 372 -8.73 -13.19 9.30
CA LYS A 372 -7.98 -14.37 8.87
C LYS A 372 -8.83 -15.42 8.15
N LYS A 373 -10.05 -15.61 8.63
CA LYS A 373 -10.88 -16.70 8.13
C LYS A 373 -11.35 -16.40 6.72
N TYR A 374 -11.30 -15.11 6.35
CA TYR A 374 -11.63 -14.67 5.00
C TYR A 374 -10.38 -14.49 4.13
N GLY A 375 -9.24 -14.96 4.63
CA GLY A 375 -7.97 -14.79 3.90
C GLY A 375 -7.71 -13.32 3.60
N ALA A 376 -8.12 -12.45 4.51
CA ALA A 376 -7.93 -11.00 4.31
C ALA A 376 -6.77 -10.53 5.17
N HIS A 377 -5.79 -9.95 4.51
CA HIS A 377 -4.55 -9.52 5.13
C HIS A 377 -4.56 -7.99 5.28
N LEU A 378 -4.21 -7.49 6.47
CA LEU A 378 -4.20 -6.04 6.70
C LEU A 378 -2.81 -5.47 6.52
N GLY A 379 -2.74 -4.27 5.97
CA GLY A 379 -1.49 -3.54 5.90
C GLY A 379 -1.75 -2.11 6.40
N ILE A 380 -0.67 -1.38 6.67
CA ILE A 380 -0.80 0.00 7.13
C ILE A 380 0.10 0.91 6.34
N HIS A 381 -0.38 2.14 6.14
CA HIS A 381 0.41 3.23 5.52
C HIS A 381 1.19 3.95 6.58
N VAL A 382 2.52 3.97 6.42
CA VAL A 382 3.39 4.73 7.33
C VAL A 382 4.27 5.65 6.52
N ASN A 383 4.98 6.54 7.20
CA ASN A 383 5.89 7.49 6.53
C ASN A 383 7.20 7.45 7.33
N ALA A 384 8.33 7.37 6.63
CA ALA A 384 9.63 7.46 7.29
C ALA A 384 10.42 8.67 6.76
N SER A 385 9.70 9.67 6.26
CA SER A 385 10.34 10.78 5.56
C SER A 385 9.92 12.18 5.99
N GLU A 386 8.76 12.28 6.64
CA GLU A 386 8.16 13.58 6.94
C GLU A 386 7.35 13.47 8.24
N THR A 387 7.34 14.54 9.05
CA THR A 387 6.51 14.52 10.26
C THR A 387 5.85 15.89 10.51
N TYR A 388 5.05 15.99 11.57
CA TYR A 388 4.31 17.22 11.92
C TYR A 388 4.52 17.53 13.38
N PRO A 389 4.40 18.80 13.77
CA PRO A 389 4.63 19.16 15.18
C PRO A 389 3.86 18.33 16.19
N GLU A 390 2.63 17.91 15.86
CA GLU A 390 1.80 17.07 16.75
C GLU A 390 2.47 15.75 17.09
N SER A 391 3.27 15.21 16.18
CA SER A 391 3.83 13.87 16.42
C SER A 391 4.76 13.84 17.63
N LYS A 392 4.59 12.83 18.48
CA LYS A 392 5.51 12.55 19.60
C LYS A 392 6.98 12.60 19.15
N TYR A 393 7.24 12.24 17.88
CA TYR A 393 8.63 12.16 17.39
C TYR A 393 9.12 13.41 16.65
N PHE A 394 8.28 14.45 16.56
CA PHE A 394 8.76 15.73 16.07
C PHE A 394 9.75 16.31 17.09
N ASN A 395 10.95 16.63 16.62
CA ASN A 395 12.02 17.18 17.43
C ASN A 395 12.97 17.87 16.47
N GLU A 396 13.61 18.94 16.93
CA GLU A 396 14.53 19.65 16.07
C GLU A 396 15.60 18.74 15.46
N LYS A 397 16.11 17.82 16.27
CA LYS A 397 17.28 16.99 15.92
C LYS A 397 16.98 16.06 14.74
N ILE A 398 15.72 15.63 14.60
CA ILE A 398 15.37 14.70 13.51
C ILE A 398 15.06 15.42 12.19
N LEU A 399 14.75 16.72 12.25
CA LEU A 399 14.33 17.45 11.05
C LEU A 399 15.45 17.63 10.05
N ARG A 400 15.10 17.49 8.77
CA ARG A 400 16.03 17.75 7.67
C ARG A 400 16.17 19.24 7.43
N LYS A 401 17.42 19.69 7.36
CA LYS A 401 17.71 21.10 7.10
C LYS A 401 18.49 21.25 5.81
N ASN A 402 18.20 22.30 5.05
CA ASN A 402 18.90 22.65 3.82
C ASN A 402 20.33 23.14 4.13
N PRO A 403 21.23 23.14 3.12
CA PRO A 403 22.61 23.62 3.33
C PRO A 403 22.69 25.01 4.00
N ASP A 404 21.79 25.93 3.62
CA ASP A 404 21.76 27.25 4.25
C ASP A 404 21.19 27.26 5.68
N GLY A 405 20.74 26.09 6.17
CA GLY A 405 20.19 25.97 7.55
C GLY A 405 18.66 26.12 7.67
N SER A 406 18.00 26.34 6.55
CA SER A 406 16.53 26.42 6.57
C SER A 406 15.91 25.02 6.66
N TYR A 407 14.66 24.95 7.11
CA TYR A 407 14.00 23.64 7.15
C TYR A 407 13.66 23.17 5.75
N SER A 408 13.86 21.87 5.52
CA SER A 408 13.34 21.21 4.33
C SER A 408 11.86 20.99 4.61
N TYR A 409 11.04 21.98 4.29
CA TYR A 409 9.60 21.85 4.50
C TYR A 409 8.95 20.77 3.64
N GLY A 410 8.02 20.05 4.24
CA GLY A 410 7.17 19.14 3.50
C GLY A 410 5.95 19.88 2.96
N TRP A 411 4.83 19.15 2.89
CA TRP A 411 3.58 19.65 2.30
C TRP A 411 2.77 20.29 3.42
N ASN A 412 2.05 21.36 3.08
CA ASN A 412 1.09 21.96 3.98
C ASN A 412 -0.33 21.51 3.59
N TRP A 413 -1.03 20.90 4.51
CA TRP A 413 -2.42 20.49 4.23
C TRP A 413 -3.28 20.59 5.47
N LEU A 414 -3.32 19.54 6.32
CA LEU A 414 -3.88 19.71 7.69
C LEU A 414 -2.96 20.56 8.56
N ASP A 415 -1.65 20.32 8.40
CA ASP A 415 -0.60 20.96 9.18
C ASP A 415 0.58 21.10 8.23
N GLN A 416 1.57 21.92 8.57
CA GLN A 416 2.77 22.08 7.74
C GLN A 416 3.77 21.06 8.21
N GLY A 417 4.05 20.10 7.34
CA GLY A 417 5.03 19.05 7.61
C GLY A 417 6.45 19.54 7.36
N ILE A 418 7.41 18.86 7.97
CA ILE A 418 8.82 19.12 7.73
C ILE A 418 9.44 17.73 7.50
N ASN A 419 10.25 17.65 6.45
CA ASN A 419 10.98 16.43 6.12
C ASN A 419 11.95 16.08 7.21
N ILE A 420 12.19 14.78 7.40
CA ILE A 420 13.18 14.35 8.38
C ILE A 420 14.41 13.82 7.67
N ASP A 421 15.48 13.67 8.44
CA ASP A 421 16.74 13.18 7.91
C ASP A 421 16.76 11.69 8.25
N ALA A 422 16.48 10.85 7.24
CA ALA A 422 16.31 9.41 7.47
C ALA A 422 17.60 8.77 7.98
N ALA A 423 18.76 9.30 7.55
CA ALA A 423 20.03 8.72 8.01
C ALA A 423 20.24 9.03 9.50
N TYR A 424 19.95 10.26 9.91
CA TYR A 424 19.95 10.59 11.34
C TYR A 424 18.97 9.69 12.09
N ASP A 425 17.76 9.54 11.54
CA ASP A 425 16.69 8.75 12.18
C ASP A 425 17.17 7.32 12.43
N LEU A 426 17.70 6.68 11.39
CA LEU A 426 18.27 5.34 11.50
C LEU A 426 19.30 5.30 12.61
N ALA A 427 20.19 6.29 12.65
CA ALA A 427 21.30 6.34 13.61
C ALA A 427 20.85 6.69 15.04
N HIS A 428 19.59 7.05 15.22
CA HIS A 428 19.05 7.44 16.53
C HIS A 428 17.69 6.82 16.82
N GLY A 429 17.64 5.49 16.76
CA GLY A 429 16.55 4.73 17.34
C GLY A 429 15.29 4.53 16.51
N ARG A 430 15.37 4.65 15.19
CA ARG A 430 14.20 4.43 14.35
C ARG A 430 13.61 3.07 14.62
N LEU A 431 14.49 2.08 14.79
CA LEU A 431 14.05 0.69 14.94
C LEU A 431 13.03 0.52 16.07
N ALA A 432 13.30 1.17 17.20
CA ALA A 432 12.41 1.05 18.37
C ALA A 432 10.98 1.48 18.06
N ARG A 433 10.79 2.42 17.12
CA ARG A 433 9.43 2.82 16.71
C ARG A 433 8.63 1.65 16.11
N TRP A 434 9.28 0.84 15.28
CA TRP A 434 8.63 -0.34 14.72
C TRP A 434 8.37 -1.33 15.84
N GLU A 435 9.38 -1.55 16.68
CA GLU A 435 9.24 -2.45 17.84
C GLU A 435 8.04 -2.09 18.71
N ASP A 436 7.84 -0.79 18.97
CA ASP A 436 6.71 -0.35 19.80
C ASP A 436 5.36 -0.72 19.21
N LEU A 437 5.23 -0.54 17.90
CA LEU A 437 4.01 -0.93 17.21
C LEU A 437 3.84 -2.45 17.27
N LYS A 438 4.91 -3.20 16.99
CA LYS A 438 4.79 -4.67 17.04
C LYS A 438 4.37 -5.16 18.46
N LYS A 439 4.99 -4.60 19.50
CA LYS A 439 4.64 -5.03 20.86
C LYS A 439 3.15 -4.77 21.16
N LYS A 440 2.67 -3.59 20.80
CA LYS A 440 1.29 -3.18 21.09
C LYS A 440 0.29 -4.03 20.29
N LEU A 441 0.58 -4.18 18.99
CA LEU A 441 -0.33 -4.88 18.08
C LEU A 441 -0.29 -6.39 18.23
N GLY A 442 0.87 -6.94 18.50
CA GLY A 442 1.04 -8.41 18.47
C GLY A 442 1.13 -8.92 17.04
N ASP A 443 1.06 -10.24 16.91
CA ASP A 443 1.33 -10.84 15.63
CA ASP A 443 1.24 -10.98 15.67
C ASP A 443 0.03 -10.79 14.79
N GLY A 444 0.19 -10.87 13.50
CA GLY A 444 -0.97 -10.96 12.63
C GLY A 444 -1.06 -9.95 11.51
N LEU A 445 -0.56 -8.75 11.74
CA LEU A 445 -0.51 -7.75 10.67
C LEU A 445 0.32 -8.28 9.47
N ASP A 446 -0.16 -8.05 8.25
CA ASP A 446 0.55 -8.60 7.08
C ASP A 446 1.67 -7.65 6.60
N PHE A 447 1.30 -6.46 6.16
CA PHE A 447 2.27 -5.61 5.44
C PHE A 447 2.39 -4.17 5.91
N ILE A 448 3.58 -3.62 5.70
CA ILE A 448 3.84 -2.19 5.94
C ILE A 448 4.08 -1.56 4.59
N TYR A 449 3.25 -0.55 4.27
CA TYR A 449 3.46 0.26 3.09
C TYR A 449 4.13 1.54 3.53
N VAL A 450 5.38 1.75 3.06
CA VAL A 450 6.10 2.99 3.39
C VAL A 450 5.93 3.98 2.23
N ASP A 451 5.12 5.00 2.45
CA ASP A 451 4.83 6.03 1.46
C ASP A 451 6.07 6.88 1.20
N VAL A 452 6.11 7.43 -0.02
CA VAL A 452 7.12 8.38 -0.53
C VAL A 452 8.58 7.91 -0.58
N TRP A 453 8.97 7.01 0.34
CA TRP A 453 10.35 6.54 0.39
C TRP A 453 10.83 6.16 -1.01
N GLY A 454 12.01 6.60 -1.41
CA GLY A 454 12.47 6.42 -2.78
C GLY A 454 12.58 7.75 -3.51
N ASN A 455 11.90 8.79 -3.01
CA ASN A 455 11.90 10.12 -3.67
C ASN A 455 12.91 11.11 -3.12
N GLY A 456 13.64 10.73 -2.06
CA GLY A 456 14.73 11.55 -1.54
C GLY A 456 14.33 12.68 -0.62
N GLN A 457 13.05 12.76 -0.28
CA GLN A 457 12.56 13.79 0.66
C GLN A 457 13.31 13.78 1.98
N SER A 458 13.66 12.57 2.43
CA SER A 458 14.38 12.37 3.67
C SER A 458 15.87 12.08 3.47
N GLY A 459 16.40 12.44 2.31
CA GLY A 459 17.82 12.22 1.98
C GLY A 459 18.02 10.93 1.21
N ASP A 460 19.01 10.15 1.60
CA ASP A 460 19.32 8.92 0.88
C ASP A 460 18.19 7.89 1.08
N ASN A 461 17.54 7.50 -0.01
CA ASN A 461 16.58 6.41 0.06
C ASN A 461 16.97 5.32 -0.92
N GLY A 462 18.26 5.15 -1.17
CA GLY A 462 18.68 4.27 -2.26
C GLY A 462 18.69 2.82 -1.82
N ALA A 463 19.36 1.98 -2.61
CA ALA A 463 19.39 0.55 -2.34
C ALA A 463 19.78 0.17 -0.89
N TRP A 464 20.91 0.64 -0.39
CA TRP A 464 21.39 0.26 0.97
C TRP A 464 20.39 0.69 2.04
N ALA A 465 20.02 1.97 2.03
CA ALA A 465 19.09 2.53 2.99
C ALA A 465 17.73 1.84 2.93
N THR A 466 17.31 1.46 1.72
CA THR A 466 16.03 0.77 1.59
C THR A 466 16.09 -0.65 2.15
N HIS A 467 17.20 -1.35 1.93
CA HIS A 467 17.34 -2.70 2.51
C HIS A 467 17.36 -2.64 4.07
N VAL A 468 18.01 -1.62 4.64
CA VAL A 468 18.04 -1.47 6.10
C VAL A 468 16.61 -1.28 6.62
N LEU A 469 15.87 -0.37 5.98
CA LEU A 469 14.49 -0.03 6.36
C LEU A 469 13.60 -1.25 6.23
N ALA A 470 13.69 -1.95 5.11
CA ALA A 470 12.92 -3.18 4.90
C ALA A 470 13.24 -4.25 5.93
N LYS A 471 14.53 -4.41 6.26
CA LYS A 471 14.91 -5.39 7.29
C LYS A 471 14.32 -5.05 8.66
N GLU A 472 14.25 -3.77 9.04
CA GLU A 472 13.59 -3.39 10.31
C GLU A 472 12.14 -3.85 10.31
N ILE A 473 11.44 -3.63 9.19
CA ILE A 473 10.05 -4.03 9.02
C ILE A 473 9.90 -5.56 8.98
N ASN A 474 10.74 -6.22 8.20
CA ASN A 474 10.69 -7.72 8.07
C ASN A 474 10.97 -8.36 9.44
N LYS A 475 11.86 -7.73 10.20
CA LYS A 475 12.20 -8.22 11.54
C LYS A 475 11.00 -8.32 12.47
N GLN A 476 10.01 -7.46 12.27
CA GLN A 476 8.82 -7.52 13.09
C GLN A 476 7.84 -8.57 12.57
N GLY A 477 8.24 -9.28 11.51
CA GLY A 477 7.37 -10.26 10.88
C GLY A 477 6.48 -9.66 9.82
N TRP A 478 6.81 -8.47 9.32
CA TRP A 478 5.91 -7.83 8.35
C TRP A 478 6.50 -7.85 6.96
N ARG A 479 5.62 -7.89 5.98
CA ARG A 479 5.99 -7.82 4.56
C ARG A 479 6.16 -6.38 4.08
N PHE A 480 7.13 -6.13 3.21
CA PHE A 480 7.45 -4.76 2.77
C PHE A 480 6.70 -4.35 1.47
N ALA A 481 6.18 -3.12 1.43
CA ALA A 481 5.53 -2.58 0.22
C ALA A 481 5.89 -1.08 0.11
N ILE A 482 5.96 -0.56 -1.11
CA ILE A 482 6.37 0.85 -1.29
C ILE A 482 5.61 1.45 -2.47
N GLU A 483 5.87 2.74 -2.71
CA GLU A 483 5.05 3.48 -3.65
C GLU A 483 5.47 3.26 -5.09
N TRP A 484 6.77 3.43 -5.37
CA TRP A 484 7.24 3.60 -6.74
C TRP A 484 7.55 2.27 -7.42
N GLY A 485 7.37 2.21 -8.73
CA GLY A 485 7.71 1.00 -9.48
C GLY A 485 9.21 0.73 -9.34
N HIS A 486 10.02 1.79 -9.18
CA HIS A 486 11.46 1.63 -9.11
C HIS A 486 11.98 1.36 -7.68
N GLY A 487 11.10 1.37 -6.68
CA GLY A 487 11.58 1.36 -5.30
C GLY A 487 11.72 -0.06 -4.77
N GLY A 488 12.52 -0.25 -3.73
CA GLY A 488 12.55 -1.51 -3.01
C GLY A 488 12.72 -2.76 -3.86
N GLU A 489 13.56 -2.73 -4.90
CA GLU A 489 13.64 -3.92 -5.79
C GLU A 489 13.99 -5.21 -5.05
N TYR A 490 14.84 -5.09 -4.03
CA TYR A 490 15.31 -6.26 -3.29
C TYR A 490 14.25 -6.89 -2.37
N ASP A 491 13.52 -6.04 -1.64
CA ASP A 491 12.62 -6.51 -0.55
C ASP A 491 11.12 -6.31 -0.74
N SER A 492 10.73 -5.46 -1.68
CA SER A 492 9.29 -5.15 -1.81
C SER A 492 8.51 -6.29 -2.46
N THR A 493 7.24 -6.43 -2.06
CA THR A 493 6.35 -7.40 -2.65
C THR A 493 5.17 -6.69 -3.33
N PHE A 494 5.15 -5.36 -3.28
CA PHE A 494 3.99 -4.62 -3.82
C PHE A 494 4.45 -3.24 -4.08
N HIS A 495 4.14 -2.72 -5.27
CA HIS A 495 4.47 -1.35 -5.60
C HIS A 495 3.17 -0.63 -6.00
N HIS A 496 2.78 0.41 -5.27
CA HIS A 496 1.47 1.01 -5.56
C HIS A 496 1.37 1.52 -7.02
N TRP A 497 2.43 2.15 -7.51
CA TRP A 497 2.42 2.69 -8.88
C TRP A 497 2.62 1.64 -9.99
N ALA A 498 2.98 0.41 -9.62
CA ALA A 498 2.82 -0.70 -10.57
C ALA A 498 1.35 -1.18 -10.60
N ALA A 499 0.76 -1.31 -9.42
CA ALA A 499 -0.54 -1.99 -9.26
C ALA A 499 -1.77 -1.13 -9.63
N ASP A 500 -1.71 0.16 -9.34
CA ASP A 500 -2.76 1.08 -9.79
C ASP A 500 -2.30 1.57 -11.14
N LEU A 501 -2.94 1.04 -12.17
CA LEU A 501 -2.45 1.21 -13.53
C LEU A 501 -2.60 2.69 -14.01
N THR A 502 -3.48 3.44 -13.34
CA THR A 502 -3.81 4.81 -13.77
C THR A 502 -2.71 5.81 -13.41
N TYR A 503 -1.89 5.47 -12.41
CA TYR A 503 -0.88 6.39 -11.91
C TYR A 503 0.32 6.53 -12.83
N GLY A 504 0.90 7.74 -12.85
CA GLY A 504 2.23 7.97 -13.41
C GLY A 504 2.36 8.04 -14.93
N GLY A 505 1.45 7.44 -15.68
CA GLY A 505 1.63 7.37 -17.13
C GLY A 505 2.71 6.36 -17.56
N TYR A 506 2.92 6.25 -18.87
CA TYR A 506 3.75 5.15 -19.39
C TYR A 506 5.24 5.15 -18.91
N THR A 507 5.77 6.27 -18.40
CA THR A 507 7.17 6.28 -17.97
C THR A 507 7.38 5.84 -16.53
N ASN A 508 6.29 5.59 -15.82
CA ASN A 508 6.43 5.37 -14.38
CA ASN A 508 6.34 5.43 -14.36
C ASN A 508 5.58 4.22 -13.86
N LYS A 509 5.66 3.08 -14.55
CA LYS A 509 4.88 1.92 -14.14
C LYS A 509 5.77 0.88 -13.44
N GLY A 510 5.42 -0.40 -13.56
CA GLY A 510 6.21 -1.47 -12.93
C GLY A 510 7.48 -1.76 -13.70
N ILE A 511 8.18 -2.82 -13.30
CA ILE A 511 9.50 -3.14 -13.84
C ILE A 511 9.35 -3.74 -15.23
N ASN A 512 9.82 -3.00 -16.24
CA ASN A 512 9.69 -3.44 -17.64
C ASN A 512 10.91 -4.30 -18.03
N SER A 513 10.91 -5.54 -17.59
CA SER A 513 12.01 -6.47 -17.84
C SER A 513 11.41 -7.88 -17.93
N ALA A 514 11.58 -8.50 -19.10
CA ALA A 514 11.21 -9.93 -19.28
C ALA A 514 12.02 -10.81 -18.32
N ILE A 515 13.32 -10.55 -18.21
CA ILE A 515 14.17 -11.35 -17.34
C ILE A 515 13.69 -11.30 -15.87
N THR A 516 13.46 -10.09 -15.36
CA THR A 516 13.13 -9.93 -13.94
C THR A 516 11.75 -10.52 -13.69
N ARG A 517 10.80 -10.24 -14.58
CA ARG A 517 9.44 -10.77 -14.41
C ARG A 517 9.42 -12.33 -14.50
N PHE A 518 10.20 -12.88 -15.42
CA PHE A 518 10.38 -14.35 -15.53
C PHE A 518 10.76 -14.87 -14.15
N ILE A 519 11.80 -14.30 -13.57
CA ILE A 519 12.34 -14.78 -12.31
C ILE A 519 11.30 -14.65 -11.16
N ARG A 520 10.66 -13.49 -11.02
CA ARG A 520 9.93 -13.15 -9.79
C ARG A 520 8.44 -12.84 -9.96
N ASN A 521 7.88 -13.17 -11.13
CA ASN A 521 6.47 -12.79 -11.37
C ASN A 521 5.50 -13.23 -10.26
N HIS A 522 5.76 -14.43 -9.74
CA HIS A 522 4.94 -15.06 -8.72
C HIS A 522 5.15 -14.46 -7.31
N GLN A 523 6.17 -13.61 -7.14
CA GLN A 523 6.55 -13.15 -5.80
C GLN A 523 6.12 -11.74 -5.39
N LYS A 524 5.62 -10.99 -6.35
CA LYS A 524 5.33 -9.56 -6.08
C LYS A 524 4.38 -9.03 -7.13
N ASP A 525 3.72 -7.92 -6.80
CA ASP A 525 2.99 -7.14 -7.79
C ASP A 525 3.83 -5.91 -8.07
N ALA A 526 4.71 -6.02 -9.07
CA ALA A 526 5.76 -5.03 -9.35
C ALA A 526 5.95 -4.84 -10.87
N TRP A 527 4.95 -5.25 -11.66
CA TRP A 527 5.11 -5.49 -13.12
C TRP A 527 4.28 -4.53 -13.94
N VAL A 528 4.34 -4.72 -15.27
CA VAL A 528 3.55 -3.93 -16.20
C VAL A 528 2.24 -4.66 -16.45
N GLY A 529 1.15 -4.05 -16.01
CA GLY A 529 -0.19 -4.60 -16.23
C GLY A 529 -0.78 -4.07 -17.53
N ASP A 530 -1.96 -4.56 -17.87
CA ASP A 530 -2.62 -4.18 -19.13
C ASP A 530 -3.23 -2.78 -19.08
N TYR A 531 -2.68 -1.88 -19.88
CA TYR A 531 -3.22 -0.53 -19.96
C TYR A 531 -2.86 -0.04 -21.34
N ARG A 532 -3.74 -0.30 -22.29
CA ARG A 532 -3.44 -0.17 -23.70
C ARG A 532 -2.84 1.18 -24.09
N SER A 533 -3.35 2.26 -23.49
CA SER A 533 -2.85 3.59 -23.86
C SER A 533 -1.39 3.90 -23.50
N TYR A 534 -0.72 3.01 -22.74
CA TYR A 534 0.72 3.19 -22.48
C TYR A 534 1.61 2.52 -23.54
N GLY A 535 1.03 1.67 -24.36
CA GLY A 535 1.79 0.97 -25.38
C GLY A 535 2.84 0.02 -24.82
N GLY A 536 3.80 -0.36 -25.68
CA GLY A 536 4.87 -1.28 -25.29
C GLY A 536 4.40 -2.50 -24.52
N ALA A 537 5.06 -2.76 -23.38
CA ALA A 537 4.76 -3.97 -22.57
C ALA A 537 3.37 -3.94 -21.98
N ALA A 538 2.79 -2.75 -21.88
CA ALA A 538 1.46 -2.59 -21.29
C ALA A 538 0.34 -2.85 -22.26
N ASN A 539 0.69 -3.04 -23.53
CA ASN A 539 -0.32 -3.41 -24.49
C ASN A 539 -0.58 -4.91 -24.46
N TYR A 540 -1.45 -5.32 -23.52
CA TYR A 540 -1.80 -6.73 -23.25
C TYR A 540 -0.60 -7.67 -22.92
N PRO A 541 0.01 -7.48 -21.71
CA PRO A 541 1.06 -8.39 -21.23
C PRO A 541 0.41 -9.76 -21.05
N LEU A 542 1.08 -10.83 -21.47
CA LEU A 542 0.46 -12.17 -21.42
C LEU A 542 0.20 -12.63 -20.00
N LEU A 543 1.08 -12.22 -19.07
CA LEU A 543 0.91 -12.53 -17.65
C LEU A 543 -0.08 -11.64 -16.92
N GLY A 544 -0.72 -10.73 -17.64
CA GLY A 544 -1.59 -9.74 -17.03
C GLY A 544 -0.74 -8.83 -16.15
N GLY A 545 -1.14 -8.65 -14.91
CA GLY A 545 -0.45 -7.67 -14.05
C GLY A 545 -1.51 -7.03 -13.17
N TYR A 546 -1.22 -6.93 -11.88
CA TYR A 546 -2.24 -6.43 -10.92
C TYR A 546 -2.86 -5.11 -11.37
N SER A 547 -4.18 -5.03 -11.27
CA SER A 547 -4.91 -3.77 -11.50
C SER A 547 -5.70 -3.47 -10.24
N MET A 548 -5.30 -2.38 -9.57
CA MET A 548 -5.92 -2.03 -8.29
C MET A 548 -6.93 -0.89 -8.48
N LYS A 549 -8.09 -1.08 -7.87
CA LYS A 549 -9.12 -0.05 -7.72
C LYS A 549 -9.51 -0.04 -6.24
N ASP A 550 -10.36 0.90 -5.83
CA ASP A 550 -10.74 1.02 -4.42
C ASP A 550 -12.20 1.46 -4.29
N PHE A 551 -12.79 1.23 -3.12
CA PHE A 551 -14.15 1.73 -2.90
C PHE A 551 -14.33 2.31 -1.49
N GLU A 552 -13.26 2.31 -0.71
CA GLU A 552 -13.36 2.81 0.67
C GLU A 552 -12.67 4.16 0.90
N GLY A 553 -12.81 5.09 -0.03
CA GLY A 553 -12.55 6.51 0.25
C GLY A 553 -11.24 7.06 -0.28
N TRP A 554 -10.31 6.18 -0.63
CA TRP A 554 -9.02 6.59 -1.18
C TRP A 554 -9.20 7.41 -2.44
N GLN A 555 -8.68 8.65 -2.44
CA GLN A 555 -8.91 9.59 -3.56
C GLN A 555 -10.37 9.71 -3.96
N GLY A 556 -11.25 9.60 -2.97
CA GLY A 556 -12.67 9.74 -3.19
C GLY A 556 -13.30 8.54 -3.86
N ARG A 557 -12.57 7.41 -3.94
CA ARG A 557 -13.08 6.22 -4.65
C ARG A 557 -14.16 5.48 -3.85
N SER A 558 -15.25 5.13 -4.52
CA SER A 558 -16.42 4.61 -3.83
C SER A 558 -17.10 3.54 -4.73
N ASP A 559 -16.51 3.26 -5.87
CA ASP A 559 -17.21 2.43 -6.87
C ASP A 559 -17.07 0.95 -6.54
N TYR A 560 -17.94 0.44 -5.68
CA TYR A 560 -17.89 -1.00 -5.27
C TYR A 560 -18.08 -1.93 -6.47
N ASN A 561 -19.04 -1.63 -7.32
CA ASN A 561 -19.35 -2.54 -8.45
C ASN A 561 -18.18 -2.65 -9.41
N GLY A 562 -17.59 -1.50 -9.72
CA GLY A 562 -16.47 -1.41 -10.63
C GLY A 562 -15.25 -2.13 -10.05
N TYR A 563 -15.09 -2.04 -8.73
CA TYR A 563 -14.02 -2.71 -8.03
C TYR A 563 -14.12 -4.23 -8.27
N VAL A 564 -15.30 -4.79 -8.07
CA VAL A 564 -15.47 -6.25 -8.21
C VAL A 564 -15.33 -6.68 -9.67
N THR A 565 -15.91 -5.93 -10.60
CA THR A 565 -15.75 -6.27 -12.03
C THR A 565 -14.30 -6.28 -12.44
N ASN A 566 -13.57 -5.25 -12.02
CA ASN A 566 -12.13 -5.17 -12.27
C ASN A 566 -11.36 -6.39 -11.72
N LEU A 567 -11.70 -6.85 -10.52
CA LEU A 567 -11.04 -8.05 -9.96
C LEU A 567 -11.12 -9.19 -10.95
N PHE A 568 -12.31 -9.41 -11.47
CA PHE A 568 -12.51 -10.53 -12.39
C PHE A 568 -11.92 -10.28 -13.78
N ALA A 569 -11.99 -9.02 -14.24
CA ALA A 569 -11.50 -8.65 -15.59
C ALA A 569 -9.97 -8.74 -15.71
N HIS A 570 -9.25 -8.50 -14.60
CA HIS A 570 -7.77 -8.53 -14.66
C HIS A 570 -7.08 -9.39 -13.61
N ASP A 571 -7.59 -9.36 -12.38
CA ASP A 571 -6.78 -9.83 -11.26
C ASP A 571 -6.87 -11.34 -11.02
N VAL A 572 -8.02 -11.94 -11.29
CA VAL A 572 -8.16 -13.39 -11.10
C VAL A 572 -7.10 -14.11 -11.94
N MET A 573 -6.99 -13.76 -13.23
CA MET A 573 -6.02 -14.44 -14.08
C MET A 573 -4.58 -14.07 -13.73
N THR A 574 -4.32 -12.80 -13.43
CA THR A 574 -3.00 -12.39 -12.94
C THR A 574 -2.54 -13.27 -11.76
N LYS A 575 -3.45 -13.41 -10.81
CA LYS A 575 -3.18 -14.18 -9.59
C LYS A 575 -3.08 -15.67 -9.88
N TYR A 576 -3.91 -16.15 -10.80
CA TYR A 576 -3.82 -17.54 -11.26
C TYR A 576 -2.36 -17.87 -11.69
N PHE A 577 -1.78 -17.04 -12.56
CA PHE A 577 -0.40 -17.26 -13.04
C PHE A 577 0.64 -17.24 -11.96
N GLN A 578 0.39 -16.44 -10.91
CA GLN A 578 1.27 -16.40 -9.72
C GLN A 578 1.34 -17.67 -8.87
N HIS A 579 0.41 -18.60 -9.10
CA HIS A 579 0.47 -19.93 -8.50
C HIS A 579 1.44 -20.86 -9.20
N PHE A 580 2.15 -20.33 -10.20
CA PHE A 580 3.09 -21.11 -11.02
C PHE A 580 4.36 -20.29 -11.17
N THR A 581 5.47 -20.93 -11.56
CA THR A 581 6.69 -20.16 -11.85
C THR A 581 6.93 -20.16 -13.35
N VAL A 582 7.38 -19.04 -13.90
CA VAL A 582 7.63 -19.01 -15.32
C VAL A 582 8.75 -19.98 -15.72
N SER A 583 8.55 -20.76 -16.80
CA SER A 583 9.59 -21.68 -17.26
C SER A 583 10.05 -21.38 -18.67
N LYS A 584 9.26 -20.63 -19.42
CA LYS A 584 9.66 -20.32 -20.80
C LYS A 584 9.03 -19.02 -21.26
N TRP A 585 9.81 -18.23 -21.99
CA TRP A 585 9.35 -16.93 -22.47
C TRP A 585 9.77 -16.83 -23.94
N GLU A 586 8.81 -16.71 -24.86
CA GLU A 586 9.12 -16.65 -26.29
C GLU A 586 8.61 -15.37 -26.89
N ASN A 587 9.52 -14.60 -27.48
CA ASN A 587 9.13 -13.39 -28.17
C ASN A 587 8.70 -13.63 -29.61
N GLY A 588 7.82 -12.76 -30.11
CA GLY A 588 7.46 -12.76 -31.50
C GLY A 588 8.30 -11.74 -32.23
N THR A 589 7.87 -11.39 -33.43
CA THR A 589 8.59 -10.42 -34.23
C THR A 589 8.25 -9.02 -33.74
N PRO A 590 9.21 -8.08 -33.86
CA PRO A 590 8.97 -6.69 -33.45
C PRO A 590 7.79 -6.08 -34.20
N VAL A 591 7.05 -5.21 -33.52
CA VAL A 591 5.93 -4.51 -34.13
C VAL A 591 6.20 -3.02 -33.94
N THR A 592 5.52 -2.23 -34.73
CA THR A 592 5.64 -0.77 -34.64
C THR A 592 4.44 -0.26 -33.88
N MET A 593 4.66 0.65 -32.92
CA MET A 593 3.56 1.25 -32.18
C MET A 593 3.70 2.76 -32.22
N THR A 594 2.57 3.44 -32.11
CA THR A 594 2.55 4.90 -32.00
C THR A 594 1.64 5.29 -30.86
N ASP A 595 2.22 5.93 -29.84
CA ASP A 595 1.44 6.44 -28.71
C ASP A 595 2.37 7.26 -27.83
N ASN A 596 1.79 8.15 -27.03
CA ASN A 596 2.53 8.99 -26.08
C ASN A 596 3.64 9.78 -26.77
N GLY A 597 3.32 10.21 -27.98
CA GLY A 597 4.14 11.20 -28.69
C GLY A 597 5.28 10.67 -29.52
N SER A 598 5.36 9.35 -29.71
CA SER A 598 6.38 8.80 -30.58
C SER A 598 5.96 7.51 -31.27
N THR A 599 6.62 7.22 -32.39
CA THR A 599 6.51 5.93 -33.06
C THR A 599 7.77 5.15 -32.67
N TYR A 600 7.64 3.88 -32.27
CA TYR A 600 8.78 3.11 -31.75
C TYR A 600 8.56 1.63 -32.06
N LYS A 601 9.63 0.83 -31.93
CA LYS A 601 9.51 -0.64 -32.07
C LYS A 601 9.34 -1.27 -30.70
N TRP A 602 8.57 -2.35 -30.68
CA TRP A 602 8.43 -3.12 -29.45
C TRP A 602 8.42 -4.61 -29.82
N THR A 603 9.16 -5.41 -29.06
CA THR A 603 9.18 -6.86 -29.28
C THR A 603 8.27 -7.52 -28.25
N PRO A 604 7.10 -8.01 -28.68
CA PRO A 604 6.13 -8.55 -27.72
C PRO A 604 6.41 -9.99 -27.37
N GLU A 605 6.10 -10.38 -26.14
CA GLU A 605 6.09 -11.81 -25.81
C GLU A 605 4.92 -12.45 -26.54
N MET A 606 5.17 -13.57 -27.21
CA MET A 606 4.11 -14.32 -27.91
C MET A 606 3.64 -15.55 -27.13
N ARG A 607 4.51 -16.10 -26.31
CA ARG A 607 4.12 -17.23 -25.46
C ARG A 607 4.93 -17.23 -24.17
N VAL A 608 4.24 -17.51 -23.08
CA VAL A 608 4.88 -17.73 -21.79
C VAL A 608 4.39 -19.03 -21.21
N GLU A 609 5.30 -19.90 -20.79
CA GLU A 609 4.89 -21.14 -20.13
C GLU A 609 5.23 -21.07 -18.66
N LEU A 610 4.42 -21.74 -17.83
CA LEU A 610 4.65 -21.75 -16.40
C LEU A 610 4.41 -23.17 -15.90
N VAL A 611 5.00 -23.50 -14.75
CA VAL A 611 4.88 -24.83 -14.18
C VAL A 611 4.75 -24.74 -12.65
N ASP A 612 4.22 -25.78 -12.02
CA ASP A 612 4.24 -25.78 -10.57
C ASP A 612 5.04 -26.97 -10.05
N ALA A 613 5.08 -27.15 -8.73
CA ALA A 613 5.82 -28.25 -8.12
C ALA A 613 5.23 -29.62 -8.47
N ASP A 614 3.95 -29.65 -8.89
CA ASP A 614 3.32 -30.90 -9.25
C ASP A 614 3.39 -31.12 -10.75
N ASN A 615 4.26 -30.37 -11.42
CA ASN A 615 4.35 -30.37 -12.89
C ASN A 615 3.03 -30.18 -13.70
N ASN A 616 2.10 -29.41 -13.15
CA ASN A 616 1.10 -28.82 -13.99
C ASN A 616 1.84 -27.84 -14.94
N LYS A 617 1.46 -27.78 -16.20
CA LYS A 617 2.03 -26.81 -17.14
C LYS A 617 0.95 -25.89 -17.70
N VAL A 618 1.16 -24.59 -17.53
CA VAL A 618 0.28 -23.54 -18.08
C VAL A 618 0.98 -22.89 -19.28
N VAL A 619 0.26 -22.78 -20.41
CA VAL A 619 0.80 -22.20 -21.63
C VAL A 619 -0.11 -21.05 -22.00
N VAL A 620 0.48 -19.86 -22.13
CA VAL A 620 -0.25 -18.63 -22.41
C VAL A 620 0.25 -18.14 -23.75
N THR A 621 -0.62 -18.07 -24.75
CA THR A 621 -0.19 -17.71 -26.11
C THR A 621 -0.97 -16.53 -26.62
N ARG A 622 -0.26 -15.51 -27.11
CA ARG A 622 -0.95 -14.34 -27.70
C ARG A 622 -1.61 -14.82 -29.00
N LYS A 623 -2.81 -14.32 -29.29
CA LYS A 623 -3.57 -14.86 -30.42
C LYS A 623 -3.14 -14.30 -31.78
N SER A 624 -2.36 -13.22 -31.79
CA SER A 624 -1.79 -12.68 -33.03
C SER A 624 -0.55 -11.87 -32.70
N ASN A 625 0.42 -11.88 -33.63
CA ASN A 625 1.60 -11.04 -33.54
C ASN A 625 1.34 -9.72 -34.27
N ASP A 626 0.16 -9.59 -34.87
CA ASP A 626 -0.18 -8.38 -35.64
C ASP A 626 -0.75 -7.32 -34.70
N VAL A 627 0.02 -6.28 -34.44
CA VAL A 627 -0.36 -5.24 -33.46
C VAL A 627 -1.67 -4.53 -33.87
N ASN A 628 -1.99 -4.57 -35.16
CA ASN A 628 -3.24 -3.99 -35.67
C ASN A 628 -4.44 -4.93 -35.57
N SER A 629 -4.19 -6.19 -35.18
CA SER A 629 -5.27 -7.19 -35.07
C SER A 629 -5.89 -7.14 -33.69
N PRO A 630 -7.24 -7.28 -33.60
CA PRO A 630 -7.84 -7.40 -32.27
C PRO A 630 -7.25 -8.57 -31.45
N GLN A 631 -6.76 -9.58 -32.16
CA GLN A 631 -6.17 -10.78 -31.54
C GLN A 631 -4.82 -10.54 -30.90
N TYR A 632 -4.20 -9.38 -31.13
CA TYR A 632 -2.95 -9.03 -30.42
C TYR A 632 -3.23 -8.88 -28.93
N ARG A 633 -4.44 -8.41 -28.62
CA ARG A 633 -4.84 -8.16 -27.23
C ARG A 633 -5.68 -9.34 -26.68
N GLU A 634 -5.39 -10.55 -27.15
CA GLU A 634 -6.06 -11.75 -26.66
C GLU A 634 -5.08 -12.89 -26.48
N ARG A 635 -5.41 -13.80 -25.59
CA ARG A 635 -4.57 -14.97 -25.36
C ARG A 635 -5.42 -16.22 -25.26
N THR A 636 -4.78 -17.34 -25.52
CA THR A 636 -5.27 -18.65 -25.18
CA THR A 636 -5.30 -18.64 -25.13
C THR A 636 -4.46 -19.18 -23.98
N VAL A 637 -5.14 -19.71 -22.99
CA VAL A 637 -4.42 -20.28 -21.85
C VAL A 637 -4.84 -21.74 -21.72
N THR A 638 -3.86 -22.63 -21.68
CA THR A 638 -4.14 -24.04 -21.40
C THR A 638 -3.46 -24.44 -20.10
N LEU A 639 -4.10 -25.35 -19.38
CA LEU A 639 -3.55 -26.02 -18.24
C LEU A 639 -3.53 -27.51 -18.60
N ASN A 640 -2.35 -28.14 -18.64
CA ASN A 640 -2.23 -29.54 -19.04
CA ASN A 640 -2.23 -29.55 -19.08
C ASN A 640 -2.98 -29.79 -20.39
N GLY A 641 -2.85 -28.85 -21.34
CA GLY A 641 -3.48 -28.99 -22.65
C GLY A 641 -4.98 -28.71 -22.69
N ARG A 642 -5.56 -28.33 -21.54
CA ARG A 642 -7.00 -28.01 -21.47
C ARG A 642 -7.24 -26.50 -21.49
N VAL A 643 -8.02 -26.01 -22.46
CA VAL A 643 -8.26 -24.56 -22.60
C VAL A 643 -9.07 -24.02 -21.42
N ILE A 644 -8.47 -23.05 -20.71
CA ILE A 644 -9.12 -22.38 -19.59
C ILE A 644 -9.38 -20.90 -19.83
N GLN A 645 -8.68 -20.28 -20.78
CA GLN A 645 -9.04 -18.95 -21.22
C GLN A 645 -8.86 -18.86 -22.73
N ASP A 646 -9.79 -18.20 -23.40
CA ASP A 646 -9.62 -17.97 -24.82
C ASP A 646 -10.26 -16.66 -25.17
N GLY A 647 -9.47 -15.66 -25.53
CA GLY A 647 -10.10 -14.37 -25.83
C GLY A 647 -10.85 -13.74 -24.68
N SER A 648 -12.12 -13.35 -24.91
CA SER A 648 -12.90 -12.54 -23.97
C SER A 648 -13.33 -13.32 -22.71
N ALA A 649 -13.23 -14.65 -22.75
CA ALA A 649 -13.78 -15.50 -21.66
C ALA A 649 -12.76 -16.42 -21.01
N TYR A 650 -12.96 -16.70 -19.71
CA TYR A 650 -12.24 -17.77 -19.02
C TYR A 650 -13.17 -18.65 -18.18
N LEU A 651 -12.78 -19.92 -18.05
CA LEU A 651 -13.41 -20.81 -17.09
C LEU A 651 -12.25 -21.45 -16.38
N THR A 652 -11.87 -20.87 -15.24
CA THR A 652 -10.56 -21.13 -14.67
C THR A 652 -10.66 -21.91 -13.38
N PRO A 653 -9.87 -23.01 -13.25
CA PRO A 653 -9.95 -23.80 -12.02
C PRO A 653 -9.30 -23.03 -10.87
N TRP A 654 -9.95 -23.00 -9.71
CA TRP A 654 -9.31 -22.33 -8.60
C TRP A 654 -9.30 -23.37 -7.49
N ASN A 655 -8.14 -23.86 -7.10
CA ASN A 655 -8.07 -24.98 -6.14
C ASN A 655 -7.50 -24.57 -4.81
N TRP A 656 -7.71 -23.31 -4.43
CA TRP A 656 -7.08 -22.79 -3.22
C TRP A 656 -8.13 -22.06 -2.39
N ASP A 657 -8.05 -22.15 -1.08
CA ASP A 657 -8.96 -21.35 -0.27
C ASP A 657 -8.47 -19.91 -0.20
N ALA A 658 -9.18 -19.07 0.55
CA ALA A 658 -8.82 -17.63 0.60
C ALA A 658 -7.38 -17.38 1.07
N ASN A 659 -6.81 -18.30 1.85
CA ASN A 659 -5.43 -18.18 2.36
C ASN A 659 -4.41 -18.95 1.54
N GLY A 660 -4.88 -19.50 0.40
CA GLY A 660 -4.01 -20.22 -0.52
C GLY A 660 -3.88 -21.70 -0.23
N LYS A 661 -4.57 -22.20 0.80
CA LYS A 661 -4.44 -23.63 1.17
C LYS A 661 -5.14 -24.50 0.12
N LYS A 662 -4.50 -25.60 -0.27
CA LYS A 662 -5.10 -26.50 -1.26
C LYS A 662 -6.49 -26.97 -0.79
N LEU A 663 -7.46 -26.95 -1.69
CA LEU A 663 -8.83 -27.33 -1.36
C LEU A 663 -8.94 -28.86 -1.49
N SER A 664 -9.84 -29.49 -0.70
CA SER A 664 -10.16 -30.91 -0.95
C SER A 664 -10.75 -30.99 -2.33
N THR A 665 -10.57 -32.12 -3.00
CA THR A 665 -11.12 -32.29 -4.33
C THR A 665 -12.56 -31.77 -4.40
N ASP A 666 -13.42 -32.15 -3.47
CA ASP A 666 -14.84 -31.79 -3.56
C ASP A 666 -15.17 -30.33 -3.31
N LYS A 667 -14.17 -29.54 -2.88
CA LYS A 667 -14.36 -28.10 -2.67
C LYS A 667 -13.73 -27.30 -3.80
N GLU A 668 -13.14 -28.00 -4.77
CA GLU A 668 -12.58 -27.36 -5.95
C GLU A 668 -13.70 -26.63 -6.74
N LYS A 669 -13.35 -25.55 -7.43
CA LYS A 669 -14.36 -24.73 -8.09
C LYS A 669 -13.78 -24.18 -9.37
N MET A 670 -14.61 -23.60 -10.22
CA MET A 670 -14.12 -22.87 -11.38
C MET A 670 -14.83 -21.52 -11.48
N TYR A 671 -14.08 -20.46 -11.80
CA TYR A 671 -14.68 -19.17 -12.03
C TYR A 671 -14.94 -18.93 -13.52
N TYR A 672 -16.10 -18.38 -13.86
CA TYR A 672 -16.35 -18.02 -15.24
C TYR A 672 -16.53 -16.53 -15.35
N PHE A 673 -15.95 -15.92 -16.38
CA PHE A 673 -16.14 -14.48 -16.59
C PHE A 673 -15.88 -14.25 -18.08
N ASN A 674 -16.80 -13.54 -18.72
CA ASN A 674 -16.69 -13.24 -20.14
C ASN A 674 -16.99 -11.74 -20.32
N THR A 675 -16.09 -10.99 -20.93
CA THR A 675 -16.34 -9.55 -21.08
C THR A 675 -17.29 -9.20 -22.23
N GLN A 676 -17.71 -10.21 -22.99
CA GLN A 676 -18.64 -10.05 -24.09
C GLN A 676 -19.81 -11.02 -23.90
N ALA A 677 -20.92 -10.75 -24.58
CA ALA A 677 -22.01 -11.73 -24.64
C ALA A 677 -21.59 -12.92 -25.52
N GLY A 678 -22.24 -14.07 -25.34
CA GLY A 678 -22.05 -15.21 -26.23
C GLY A 678 -21.84 -16.51 -25.53
N ALA A 679 -22.26 -17.61 -26.15
CA ALA A 679 -22.08 -18.94 -25.56
C ALA A 679 -20.62 -19.32 -25.73
N THR A 680 -20.05 -19.94 -24.70
CA THR A 680 -18.70 -20.47 -24.79
C THR A 680 -18.70 -21.91 -24.29
N THR A 681 -17.87 -22.75 -24.90
CA THR A 681 -17.84 -24.15 -24.58
C THR A 681 -16.48 -24.54 -24.00
N TRP A 682 -16.51 -25.40 -22.98
CA TRP A 682 -15.30 -25.75 -22.24
C TRP A 682 -15.22 -27.24 -22.01
N THR A 683 -14.03 -27.77 -22.18
CA THR A 683 -13.72 -29.13 -21.79
C THR A 683 -13.43 -29.16 -20.31
N LEU A 684 -14.10 -30.08 -19.60
CA LEU A 684 -13.85 -30.25 -18.17
C LEU A 684 -12.87 -31.42 -17.95
N PRO A 685 -12.13 -31.41 -16.82
CA PRO A 685 -11.34 -32.54 -16.34
C PRO A 685 -12.25 -33.77 -16.18
N SER A 686 -11.73 -34.98 -16.27
CA SER A 686 -12.62 -36.15 -16.32
C SER A 686 -13.35 -36.30 -15.00
N ASP A 687 -12.76 -35.79 -13.93
CA ASP A 687 -13.37 -35.91 -12.59
C ASP A 687 -14.49 -34.87 -12.35
N TRP A 688 -14.71 -33.98 -13.31
CA TRP A 688 -15.91 -33.12 -13.32
C TRP A 688 -16.91 -33.64 -14.34
N ALA A 689 -16.36 -34.20 -15.42
CA ALA A 689 -17.15 -34.68 -16.55
C ALA A 689 -18.21 -35.71 -16.16
N LYS A 690 -17.95 -36.49 -15.12
CA LYS A 690 -18.85 -37.58 -14.71
C LYS A 690 -19.57 -37.19 -13.44
N SER A 691 -19.60 -35.90 -13.16
CA SER A 691 -20.31 -35.37 -12.01
C SER A 691 -21.47 -34.45 -12.46
N LYS A 692 -22.47 -34.27 -11.62
CA LYS A 692 -23.39 -33.16 -11.80
C LYS A 692 -22.57 -31.88 -11.61
N VAL A 693 -22.93 -30.81 -12.30
CA VAL A 693 -22.22 -29.51 -12.14
C VAL A 693 -23.25 -28.42 -11.86
N TYR A 694 -22.93 -27.56 -10.88
CA TYR A 694 -23.87 -26.52 -10.45
C TYR A 694 -23.23 -25.16 -10.65
N LEU A 695 -23.95 -24.26 -11.28
CA LEU A 695 -23.49 -22.89 -11.57
C LEU A 695 -24.18 -21.83 -10.68
N TYR A 696 -23.41 -20.88 -10.15
CA TYR A 696 -23.97 -19.81 -9.31
C TYR A 696 -23.53 -18.47 -9.85
N LYS A 697 -24.47 -17.55 -9.89
CA LYS A 697 -24.18 -16.16 -10.16
C LYS A 697 -23.65 -15.54 -8.85
N LEU A 698 -22.52 -14.85 -8.92
CA LEU A 698 -21.91 -14.23 -7.72
C LEU A 698 -22.35 -12.78 -7.64
N THR A 699 -22.91 -12.40 -6.49
CA THR A 699 -23.33 -11.03 -6.24
C THR A 699 -22.85 -10.66 -4.84
N ASP A 700 -23.14 -9.43 -4.41
CA ASP A 700 -22.78 -9.07 -3.05
C ASP A 700 -23.53 -9.85 -1.96
N GLN A 701 -24.48 -10.69 -2.38
CA GLN A 701 -25.15 -11.64 -1.49
C GLN A 701 -24.57 -13.07 -1.56
N GLY A 702 -23.53 -13.23 -2.38
CA GLY A 702 -22.81 -14.50 -2.46
C GLY A 702 -23.29 -15.29 -3.67
N LYS A 703 -23.48 -16.59 -3.48
CA LYS A 703 -23.88 -17.48 -4.56
C LYS A 703 -25.38 -17.46 -4.73
N THR A 704 -25.84 -17.11 -5.93
CA THR A 704 -27.27 -17.05 -6.22
C THR A 704 -27.61 -17.73 -7.57
N GLU A 705 -28.90 -17.94 -7.79
CA GLU A 705 -29.41 -18.48 -9.05
C GLU A 705 -28.80 -19.82 -9.42
N GLU A 706 -28.74 -20.70 -8.44
CA GLU A 706 -28.28 -22.06 -8.70
C GLU A 706 -28.88 -22.66 -9.97
N GLN A 707 -28.04 -23.20 -10.84
CA GLN A 707 -28.46 -23.93 -12.03
C GLN A 707 -27.64 -25.18 -12.13
N GLU A 708 -28.31 -26.29 -12.41
CA GLU A 708 -27.62 -27.51 -12.70
C GLU A 708 -27.28 -27.57 -14.19
N LEU A 709 -26.01 -27.76 -14.51
CA LEU A 709 -25.57 -27.71 -15.91
C LEU A 709 -25.62 -29.06 -16.59
N THR A 710 -25.90 -29.04 -17.88
CA THR A 710 -25.98 -30.26 -18.67
C THR A 710 -24.57 -30.51 -19.25
N VAL A 711 -23.94 -31.60 -18.82
CA VAL A 711 -22.60 -31.96 -19.29
C VAL A 711 -22.77 -32.90 -20.47
N LYS A 712 -21.94 -32.71 -21.49
CA LYS A 712 -22.04 -33.51 -22.71
C LYS A 712 -20.63 -33.90 -23.17
N ASP A 713 -20.28 -35.19 -23.05
CA ASP A 713 -18.95 -35.68 -23.47
C ASP A 713 -17.84 -34.90 -22.77
N GLY A 714 -18.08 -34.56 -21.52
CA GLY A 714 -17.08 -33.84 -20.76
C GLY A 714 -17.00 -32.37 -21.09
N LYS A 715 -17.97 -31.86 -21.84
CA LYS A 715 -18.02 -30.43 -22.14
C LYS A 715 -19.21 -29.71 -21.49
N ILE A 716 -19.06 -28.43 -21.16
CA ILE A 716 -20.21 -27.59 -20.82
C ILE A 716 -20.24 -26.35 -21.71
N THR A 717 -21.43 -25.79 -21.89
CA THR A 717 -21.58 -24.56 -22.66
C THR A 717 -22.26 -23.53 -21.77
N LEU A 718 -21.67 -22.33 -21.76
CA LEU A 718 -22.08 -21.29 -20.85
C LEU A 718 -22.47 -20.09 -21.65
N ASP A 719 -23.72 -19.67 -21.46
CA ASP A 719 -24.23 -18.55 -22.22
C ASP A 719 -24.82 -17.57 -21.22
N LEU A 720 -24.02 -16.64 -20.73
CA LEU A 720 -24.37 -15.90 -19.51
C LEU A 720 -24.15 -14.40 -19.68
N LEU A 721 -24.39 -13.62 -18.62
CA LEU A 721 -24.24 -12.18 -18.71
C LEU A 721 -22.77 -11.76 -18.80
N ALA A 722 -22.48 -10.82 -19.69
CA ALA A 722 -21.14 -10.25 -19.81
C ALA A 722 -20.75 -9.51 -18.53
N ASN A 723 -19.47 -9.55 -18.20
CA ASN A 723 -18.95 -8.75 -17.09
C ASN A 723 -19.56 -9.09 -15.75
N GLN A 724 -19.86 -10.38 -15.59
CA GLN A 724 -20.54 -10.88 -14.43
C GLN A 724 -19.86 -12.15 -13.99
N PRO A 725 -19.37 -12.19 -12.74
CA PRO A 725 -18.73 -13.40 -12.23
C PRO A 725 -19.72 -14.52 -11.92
N TYR A 726 -19.32 -15.74 -12.25
CA TYR A 726 -20.02 -16.94 -11.82
C TYR A 726 -18.99 -17.91 -11.27
N VAL A 727 -19.46 -18.87 -10.47
CA VAL A 727 -18.60 -19.93 -9.98
C VAL A 727 -19.31 -21.27 -10.17
N LEU A 728 -18.54 -22.30 -10.49
CA LEU A 728 -19.09 -23.66 -10.73
C LEU A 728 -18.54 -24.63 -9.72
N TYR A 729 -19.37 -25.57 -9.26
CA TYR A 729 -18.97 -26.60 -8.31
C TYR A 729 -19.49 -27.97 -8.77
N ARG A 730 -18.95 -29.05 -8.21
CA ARG A 730 -19.43 -30.38 -8.55
C ARG A 730 -20.65 -30.81 -7.71
N SER A 731 -21.02 -30.00 -6.74
CA SER A 731 -22.15 -30.33 -5.88
C SER A 731 -22.78 -29.05 -5.38
N LYS A 732 -24.03 -29.14 -4.91
CA LYS A 732 -24.80 -27.97 -4.43
C LYS A 732 -24.16 -27.29 -3.23
N GLN A 733 -24.10 -25.96 -3.26
CA GLN A 733 -23.41 -25.16 -2.25
C GLN A 733 -24.40 -24.24 -1.54
N THR A 734 -24.05 -23.76 -0.34
CA THR A 734 -24.91 -22.83 0.39
C THR A 734 -24.11 -21.58 0.76
N ASN A 735 -24.81 -20.49 1.10
CA ASN A 735 -24.18 -19.32 1.66
C ASN A 735 -24.20 -19.38 3.19
N PRO A 736 -23.03 -19.24 3.84
CA PRO A 736 -22.93 -19.28 5.30
C PRO A 736 -23.33 -17.96 5.99
N GLU A 737 -23.55 -18.01 7.29
CA GLU A 737 -23.87 -16.83 8.10
C GLU A 737 -22.63 -15.94 8.18
N MET A 738 -22.80 -14.64 7.87
CA MET A 738 -21.64 -13.72 7.86
C MET A 738 -21.39 -12.97 9.20
N SER A 739 -22.34 -13.03 10.13
CA SER A 739 -22.23 -12.26 11.39
C SER A 739 -21.85 -10.81 11.09
N TRP A 740 -22.65 -10.18 10.26
CA TRP A 740 -22.41 -8.82 9.83
C TRP A 740 -22.24 -7.90 11.03
N SER A 741 -21.16 -7.11 11.03
CA SER A 741 -20.92 -6.06 12.04
C SER A 741 -20.61 -6.64 13.44
N GLU A 742 -20.09 -7.84 13.51
CA GLU A 742 -19.73 -8.38 14.81
C GLU A 742 -18.79 -7.44 15.55
N GLY A 743 -19.04 -7.28 16.86
CA GLY A 743 -18.27 -6.36 17.68
C GLY A 743 -18.76 -4.92 17.65
N MET A 744 -19.69 -4.60 16.76
CA MET A 744 -20.17 -3.21 16.59
C MET A 744 -21.49 -3.01 17.32
N HIS A 745 -21.91 -4.06 18.04
CA HIS A 745 -23.04 -3.98 19.00
C HIS A 745 -24.41 -3.97 18.30
N ILE A 746 -24.42 -4.02 16.97
CA ILE A 746 -25.66 -4.10 16.22
C ILE A 746 -25.39 -5.09 15.08
N TYR A 747 -26.45 -5.68 14.54
CA TYR A 747 -26.26 -6.57 13.37
C TYR A 747 -26.43 -5.79 12.08
N ASP A 748 -25.43 -5.88 11.19
CA ASP A 748 -25.50 -5.35 9.83
C ASP A 748 -25.72 -3.82 9.80
N GLN A 749 -24.72 -3.10 10.35
CA GLN A 749 -24.74 -1.62 10.46
C GLN A 749 -24.80 -0.87 9.14
N GLY A 750 -24.39 -1.54 8.06
CA GLY A 750 -24.35 -0.92 6.74
C GLY A 750 -25.39 -1.40 5.75
N PHE A 751 -26.33 -2.20 6.24
CA PHE A 751 -27.43 -2.69 5.42
C PHE A 751 -26.98 -3.54 4.24
N ASN A 752 -26.01 -4.44 4.51
CA ASN A 752 -25.40 -5.30 3.51
C ASN A 752 -25.96 -6.70 3.41
N SER A 753 -26.86 -7.07 4.32
CA SER A 753 -27.29 -8.47 4.50
C SER A 753 -28.54 -8.83 3.68
N GLY A 754 -29.09 -7.85 2.98
CA GLY A 754 -30.21 -8.10 2.09
C GLY A 754 -31.55 -8.20 2.77
N THR A 755 -31.62 -8.11 4.10
CA THR A 755 -32.93 -8.11 4.83
C THR A 755 -32.85 -7.23 6.07
N LEU A 756 -34.03 -6.92 6.61
CA LEU A 756 -34.18 -6.17 7.85
C LEU A 756 -34.64 -7.09 8.97
N LYS A 757 -34.34 -8.40 8.86
CA LYS A 757 -34.88 -9.40 9.81
C LYS A 757 -34.55 -9.14 11.26
N HIS A 758 -33.36 -8.59 11.50
CA HIS A 758 -32.87 -8.40 12.87
CA HIS A 758 -32.81 -8.35 12.83
C HIS A 758 -33.54 -7.20 13.52
N TRP A 759 -34.23 -6.37 12.72
CA TRP A 759 -34.99 -5.24 13.22
C TRP A 759 -36.43 -5.64 13.57
N THR A 760 -36.90 -5.12 14.70
CA THR A 760 -38.32 -5.23 15.04
C THR A 760 -39.02 -3.99 14.50
N ILE A 761 -39.88 -4.17 13.51
CA ILE A 761 -40.55 -3.03 12.88
C ILE A 761 -41.90 -2.76 13.53
N SER A 762 -42.09 -1.53 13.98
CA SER A 762 -43.34 -1.12 14.52
C SER A 762 -43.94 -0.11 13.54
N GLY A 763 -45.00 -0.52 12.86
CA GLY A 763 -45.59 0.28 11.81
C GLY A 763 -45.64 -0.52 10.52
N ASP A 764 -45.91 0.17 9.43
CA ASP A 764 -46.02 -0.47 8.13
C ASP A 764 -44.66 -0.83 7.53
N ALA A 765 -44.29 -2.10 7.66
CA ALA A 765 -42.98 -2.58 7.17
C ALA A 765 -42.80 -2.36 5.66
N SER A 766 -43.89 -2.17 4.90
CA SER A 766 -43.73 -1.97 3.45
C SER A 766 -43.12 -0.60 3.14
N LYS A 767 -43.11 0.28 4.14
CA LYS A 767 -42.62 1.65 3.97
C LYS A 767 -41.12 1.76 4.27
N ALA A 768 -40.52 0.65 4.67
CA ALA A 768 -39.09 0.60 5.01
C ALA A 768 -38.43 -0.44 4.09
N GLU A 769 -37.44 -0.02 3.32
CA GLU A 769 -36.80 -0.88 2.34
C GLU A 769 -35.31 -0.60 2.33
N ILE A 770 -34.50 -1.62 2.05
CA ILE A 770 -33.09 -1.41 1.73
C ILE A 770 -32.98 -1.04 0.25
N VAL A 771 -32.43 0.13 -0.07
CA VAL A 771 -32.33 0.58 -1.45
C VAL A 771 -30.87 0.98 -1.73
N LYS A 772 -30.53 1.07 -3.01
CA LYS A 772 -29.17 1.44 -3.42
C LYS A 772 -29.07 2.94 -3.70
N SER A 773 -28.00 3.55 -3.22
CA SER A 773 -27.68 4.93 -3.57
C SER A 773 -27.23 5.00 -5.02
N GLN A 774 -26.92 6.21 -5.48
CA GLN A 774 -26.43 6.34 -6.84
C GLN A 774 -25.03 5.72 -6.97
N GLY A 775 -24.43 5.38 -5.84
CA GLY A 775 -23.17 4.64 -5.82
C GLY A 775 -23.32 3.16 -5.48
N ALA A 776 -24.53 2.63 -5.58
CA ALA A 776 -24.82 1.22 -5.22
C ALA A 776 -24.50 0.90 -3.75
N ASN A 777 -24.58 1.89 -2.88
CA ASN A 777 -24.38 1.66 -1.44
C ASN A 777 -25.76 1.43 -0.83
N ASP A 778 -25.96 0.28 -0.20
CA ASP A 778 -27.27 -0.04 0.39
C ASP A 778 -27.56 0.76 1.64
N MET A 779 -28.79 1.26 1.73
CA MET A 779 -29.22 2.18 2.78
C MET A 779 -30.64 1.80 3.12
N LEU A 780 -31.06 2.13 4.34
CA LEU A 780 -32.44 2.01 4.77
C LEU A 780 -33.17 3.24 4.30
N ARG A 781 -34.28 3.04 3.59
CA ARG A 781 -35.13 4.17 3.20
C ARG A 781 -36.51 4.01 3.80
N ILE A 782 -37.03 5.08 4.38
CA ILE A 782 -38.44 5.09 4.85
C ILE A 782 -39.12 6.22 4.11
N GLN A 783 -40.25 5.94 3.48
CA GLN A 783 -40.97 7.01 2.77
C GLN A 783 -42.43 6.62 2.63
N GLY A 784 -43.27 7.62 2.34
CA GLY A 784 -44.66 7.43 1.95
C GLY A 784 -45.48 6.82 3.07
N ASN A 785 -45.10 7.07 4.31
CA ASN A 785 -45.81 6.52 5.45
C ASN A 785 -46.80 7.54 6.05
N LYS A 786 -48.07 7.15 6.17
CA LYS A 786 -49.08 7.96 6.85
C LYS A 786 -49.01 7.89 8.37
N GLU A 787 -48.33 6.87 8.89
CA GLU A 787 -48.11 6.76 10.33
C GLU A 787 -46.64 6.47 10.61
N LYS A 788 -46.22 6.76 11.84
CA LYS A 788 -44.84 6.53 12.28
C LYS A 788 -44.36 5.14 11.90
N VAL A 789 -43.10 5.07 11.47
CA VAL A 789 -42.48 3.78 11.24
C VAL A 789 -41.23 3.78 12.11
N SER A 790 -41.04 2.76 12.95
CA SER A 790 -39.84 2.60 13.81
C SER A 790 -39.24 1.23 13.61
N LEU A 791 -37.91 1.15 13.71
CA LEU A 791 -37.20 -0.08 13.59
C LEU A 791 -36.33 -0.14 14.84
N THR A 792 -36.41 -1.24 15.59
CA THR A 792 -35.70 -1.39 16.86
C THR A 792 -34.83 -2.64 16.89
N GLN A 793 -33.61 -2.50 17.41
CA GLN A 793 -32.73 -3.65 17.57
C GLN A 793 -32.04 -3.52 18.93
N LYS A 794 -31.77 -4.64 19.59
CA LYS A 794 -30.99 -4.59 20.82
C LYS A 794 -29.56 -4.23 20.47
N LEU A 795 -28.92 -3.41 21.32
CA LEU A 795 -27.49 -3.18 21.20
C LEU A 795 -26.85 -4.23 22.09
N THR A 796 -26.06 -5.12 21.47
CA THR A 796 -25.50 -6.31 22.13
C THR A 796 -24.02 -6.14 22.50
N GLY A 797 -23.55 -6.96 23.45
CA GLY A 797 -22.17 -6.95 23.88
C GLY A 797 -21.68 -5.63 24.47
N LEU A 798 -22.56 -4.82 25.04
CA LEU A 798 -22.08 -3.60 25.71
C LEU A 798 -21.49 -3.91 27.09
N LYS A 799 -20.56 -3.08 27.53
CA LYS A 799 -20.03 -3.17 28.90
C LYS A 799 -21.01 -2.48 29.85
N PRO A 800 -21.20 -3.02 31.06
CA PRO A 800 -22.04 -2.30 32.00
C PRO A 800 -21.42 -0.98 32.52
N ASN A 801 -22.27 -0.06 32.94
CA ASN A 801 -21.85 1.19 33.59
C ASN A 801 -20.82 1.95 32.76
N THR A 802 -21.08 2.02 31.44
CA THR A 802 -20.09 2.55 30.51
C THR A 802 -20.71 3.59 29.60
N LYS A 803 -19.93 4.64 29.31
CA LYS A 803 -20.39 5.74 28.48
C LYS A 803 -20.13 5.45 27.00
N TYR A 804 -21.19 5.67 26.20
CA TYR A 804 -21.16 5.37 24.78
C TYR A 804 -21.66 6.54 23.96
N ALA A 805 -21.25 6.55 22.69
CA ALA A 805 -21.90 7.34 21.65
C ALA A 805 -22.45 6.35 20.64
N VAL A 806 -23.52 6.75 19.96
CA VAL A 806 -23.97 6.02 18.77
C VAL A 806 -24.36 7.06 17.75
N TYR A 807 -23.97 6.84 16.50
CA TYR A 807 -24.53 7.68 15.44
C TYR A 807 -25.10 6.78 14.37
N VAL A 808 -26.01 7.36 13.60
CA VAL A 808 -26.40 6.83 12.29
C VAL A 808 -26.19 7.93 11.29
N GLY A 809 -25.70 7.58 10.10
CA GLY A 809 -25.67 8.51 8.98
C GLY A 809 -27.13 8.70 8.57
N VAL A 810 -27.55 9.95 8.41
CA VAL A 810 -28.93 10.24 8.01
C VAL A 810 -28.95 11.31 6.92
N ASP A 811 -29.78 11.09 5.88
CA ASP A 811 -29.99 12.07 4.82
C ASP A 811 -31.51 12.15 4.72
N ASN A 812 -32.08 13.20 5.30
CA ASN A 812 -33.54 13.32 5.36
C ASN A 812 -34.08 14.30 4.31
N ARG A 813 -34.81 13.77 3.31
CA ARG A 813 -35.40 14.64 2.28
C ARG A 813 -36.85 15.04 2.67
N SER A 814 -37.33 14.52 3.78
CA SER A 814 -38.66 14.85 4.26
C SER A 814 -38.56 15.96 5.29
N ASN A 815 -39.64 16.72 5.47
CA ASN A 815 -39.72 17.61 6.64
C ASN A 815 -40.08 16.84 7.91
N ALA A 816 -40.53 15.59 7.77
CA ALA A 816 -40.90 14.79 8.93
C ALA A 816 -39.69 14.48 9.84
N LYS A 817 -39.94 14.34 11.13
CA LYS A 817 -38.91 13.99 12.12
CA LYS A 817 -38.92 14.01 12.11
C LYS A 817 -38.35 12.60 11.87
N ALA A 818 -37.02 12.53 11.73
CA ALA A 818 -36.32 11.25 11.60
C ALA A 818 -35.38 11.20 12.80
N SER A 819 -35.47 10.13 13.58
CA SER A 819 -34.85 10.05 14.93
C SER A 819 -34.00 8.81 15.16
N ILE A 820 -33.06 8.94 16.10
CA ILE A 820 -32.34 7.82 16.66
C ILE A 820 -32.58 7.89 18.17
N THR A 821 -32.99 6.77 18.75
CA THR A 821 -33.42 6.74 20.15
C THR A 821 -32.74 5.54 20.77
N VAL A 822 -32.11 5.74 21.91
CA VAL A 822 -31.54 4.63 22.66
C VAL A 822 -32.26 4.53 24.00
N ASN A 823 -32.65 3.30 24.35
CA ASN A 823 -33.20 3.00 25.64
C ASN A 823 -32.24 2.05 26.33
N THR A 824 -31.68 2.49 27.45
CA THR A 824 -30.69 1.69 28.17
C THR A 824 -31.37 0.74 29.14
N GLY A 825 -32.69 0.90 29.30
CA GLY A 825 -33.41 0.17 30.34
C GLY A 825 -33.60 1.04 31.58
N GLU A 826 -32.77 2.06 31.75
CA GLU A 826 -32.92 3.02 32.84
C GLU A 826 -33.28 4.40 32.32
N LYS A 827 -32.96 4.67 31.06
CA LYS A 827 -33.09 6.00 30.55
C LYS A 827 -33.37 5.91 29.05
N GLU A 828 -34.09 6.88 28.50
CA GLU A 828 -34.19 6.95 27.03
C GLU A 828 -33.67 8.29 26.52
N VAL A 829 -32.81 8.27 25.49
CA VAL A 829 -32.33 9.51 24.88
C VAL A 829 -32.70 9.50 23.40
N THR A 830 -32.93 10.67 22.83
CA THR A 830 -33.33 10.72 21.44
C THR A 830 -32.78 11.99 20.79
N THR A 831 -32.46 11.88 19.50
CA THR A 831 -31.99 12.99 18.70
C THR A 831 -32.70 12.88 17.37
N TYR A 832 -32.98 14.00 16.72
CA TYR A 832 -33.76 13.93 15.48
C TYR A 832 -33.32 14.98 14.47
N THR A 833 -33.72 14.78 13.23
CA THR A 833 -33.55 15.81 12.24
C THR A 833 -34.85 15.96 11.44
N ASN A 834 -35.19 17.20 11.10
CA ASN A 834 -36.19 17.41 10.05
C ASN A 834 -35.40 17.40 8.71
N LYS A 835 -35.78 18.21 7.74
CA LYS A 835 -35.13 18.10 6.42
C LYS A 835 -33.64 18.45 6.54
N SER A 836 -32.78 17.60 5.99
CA SER A 836 -31.33 17.81 6.04
C SER A 836 -30.95 19.05 5.23
N LEU A 837 -30.07 19.88 5.78
CA LEU A 837 -29.74 21.15 5.12
C LEU A 837 -28.25 21.35 4.80
N ALA A 838 -27.43 20.34 5.07
CA ALA A 838 -25.99 20.46 4.82
C ALA A 838 -25.49 19.30 3.97
N LEU A 839 -25.02 19.64 2.78
CA LEU A 839 -24.38 18.68 1.90
C LEU A 839 -23.14 18.08 2.54
N ASN A 840 -22.76 16.89 2.09
CA ASN A 840 -21.60 16.23 2.66
C ASN A 840 -20.36 16.38 1.80
N TYR A 841 -19.30 16.91 2.41
CA TYR A 841 -18.09 17.30 1.66
C TYR A 841 -16.83 16.53 2.06
N VAL A 842 -17.01 15.38 2.74
CA VAL A 842 -15.90 14.54 3.22
C VAL A 842 -15.50 13.55 2.12
N LYS A 843 -14.39 13.82 1.43
CA LYS A 843 -14.00 12.99 0.28
C LYS A 843 -13.81 11.49 0.60
N ALA A 844 -13.20 11.17 1.74
CA ALA A 844 -12.96 9.75 2.06
C ALA A 844 -14.20 9.05 2.66
N TYR A 845 -15.28 9.80 2.85
CA TYR A 845 -16.56 9.26 3.37
C TYR A 845 -17.46 8.73 2.23
N ALA A 846 -18.03 7.56 2.41
CA ALA A 846 -18.77 6.85 1.34
C ALA A 846 -19.99 7.61 0.84
N HIS A 847 -20.55 8.47 1.70
CA HIS A 847 -21.77 9.18 1.34
C HIS A 847 -21.56 10.68 1.19
N ASN A 848 -20.41 11.09 0.64
CA ASN A 848 -20.26 12.50 0.28
C ASN A 848 -21.17 12.84 -0.91
N THR A 849 -21.22 14.11 -1.30
CA THR A 849 -22.21 14.57 -2.30
C THR A 849 -21.72 14.51 -3.76
N ARG A 850 -20.53 13.94 -3.98
CA ARG A 850 -20.07 13.71 -5.34
C ARG A 850 -21.08 12.82 -6.07
N ARG A 851 -21.33 13.14 -7.34
CA ARG A 851 -22.55 12.63 -7.99
C ARG A 851 -22.60 11.09 -7.99
N ASN A 852 -21.46 10.46 -8.20
CA ASN A 852 -21.42 9.00 -8.34
C ASN A 852 -21.62 8.23 -7.06
N ASN A 853 -21.66 8.91 -5.93
CA ASN A 853 -22.05 8.25 -4.68
C ASN A 853 -23.12 9.08 -3.93
N ALA A 854 -23.89 9.87 -4.69
CA ALA A 854 -25.01 10.62 -4.16
C ALA A 854 -26.09 9.68 -3.64
N THR A 855 -26.92 10.21 -2.77
CA THR A 855 -27.98 9.43 -2.18
C THR A 855 -29.06 9.24 -3.20
N VAL A 856 -29.56 10.36 -3.72
CA VAL A 856 -30.66 10.39 -4.69
C VAL A 856 -30.66 11.82 -5.23
N ASP A 857 -31.15 12.01 -6.45
CA ASP A 857 -31.22 13.35 -7.04
C ASP A 857 -29.88 14.07 -7.11
N ASP A 858 -28.82 13.28 -7.26
CA ASP A 858 -27.44 13.75 -7.47
C ASP A 858 -26.82 14.48 -6.26
N THR A 859 -27.39 14.32 -5.07
CA THR A 859 -26.85 14.99 -3.89
C THR A 859 -26.76 14.03 -2.72
N SER A 860 -25.90 14.37 -1.75
CA SER A 860 -25.95 13.70 -0.47
C SER A 860 -25.84 14.71 0.64
N TYR A 861 -26.83 14.62 1.55
CA TYR A 861 -26.83 15.42 2.77
C TYR A 861 -26.54 14.53 3.98
N PHE A 862 -25.99 13.32 3.75
CA PHE A 862 -25.57 12.46 4.88
C PHE A 862 -24.74 13.19 5.90
N GLN A 863 -25.20 13.17 7.16
CA GLN A 863 -24.39 13.61 8.28
C GLN A 863 -24.68 12.72 9.49
N ASN A 864 -23.70 12.55 10.37
CA ASN A 864 -23.86 11.61 11.47
C ASN A 864 -24.77 12.19 12.54
N MET A 865 -25.78 11.42 12.95
CA MET A 865 -26.76 11.87 13.92
C MET A 865 -26.54 11.07 15.18
N TYR A 866 -26.22 11.75 16.27
CA TYR A 866 -25.72 11.14 17.50
C TYR A 866 -26.74 11.09 18.61
N ALA A 867 -26.62 10.04 19.43
CA ALA A 867 -27.20 10.02 20.76
C ALA A 867 -26.07 9.61 21.70
N PHE A 868 -26.02 10.20 22.89
CA PHE A 868 -24.99 9.85 23.85
C PHE A 868 -25.66 9.25 25.07
N PHE A 869 -25.18 8.10 25.50
CA PHE A 869 -25.85 7.38 26.60
C PHE A 869 -24.86 6.65 27.50
N THR A 870 -25.36 6.12 28.61
CA THR A 870 -24.52 5.39 29.54
C THR A 870 -25.26 4.12 29.92
N THR A 871 -24.62 2.96 29.83
CA THR A 871 -25.28 1.71 30.27
C THR A 871 -25.35 1.69 31.81
N GLY A 872 -26.32 0.97 32.37
CA GLY A 872 -26.38 0.69 33.82
C GLY A 872 -25.80 -0.70 34.02
N ALA A 873 -26.22 -1.37 35.08
CA ALA A 873 -25.59 -2.64 35.44
C ALA A 873 -26.06 -3.77 34.54
N ASP A 874 -27.25 -3.64 33.96
CA ASP A 874 -27.84 -4.71 33.18
C ASP A 874 -27.83 -4.23 31.73
N VAL A 875 -27.11 -4.95 30.86
CA VAL A 875 -27.00 -4.52 29.45
C VAL A 875 -27.78 -5.44 28.51
N SER A 876 -28.80 -6.11 29.07
CA SER A 876 -29.51 -7.14 28.31
C SER A 876 -30.72 -6.57 27.59
N ASN A 877 -31.09 -5.34 27.95
CA ASN A 877 -32.27 -4.67 27.41
C ASN A 877 -31.98 -3.27 26.90
N VAL A 878 -30.89 -3.14 26.14
CA VAL A 878 -30.52 -1.83 25.57
C VAL A 878 -30.97 -1.88 24.14
N THR A 879 -31.75 -0.91 23.71
CA THR A 879 -32.28 -0.94 22.36
C THR A 879 -31.96 0.33 21.63
N LEU A 880 -31.77 0.20 20.33
CA LEU A 880 -31.64 1.34 19.43
C LEU A 880 -32.81 1.32 18.48
N THR A 881 -33.44 2.48 18.29
CA THR A 881 -34.58 2.61 17.40
C THR A 881 -34.33 3.72 16.40
N LEU A 882 -34.58 3.41 15.13
CA LEU A 882 -34.61 4.42 14.07
C LEU A 882 -36.08 4.61 13.71
N SER A 883 -36.55 5.85 13.69
CA SER A 883 -37.96 6.07 13.36
C SER A 883 -38.15 7.23 12.40
N ARG A 884 -39.31 7.26 11.76
CA ARG A 884 -39.63 8.39 10.88
C ARG A 884 -41.12 8.64 11.08
N GLU A 885 -41.46 9.89 11.41
CA GLU A 885 -42.87 10.30 11.51
C GLU A 885 -43.48 10.40 10.11
N ALA A 886 -44.79 10.61 10.01
CA ALA A 886 -45.48 10.56 8.71
C ALA A 886 -44.90 11.55 7.73
N GLY A 887 -44.74 11.12 6.49
CA GLY A 887 -44.35 12.04 5.43
C GLY A 887 -44.29 11.34 4.10
N ASP A 888 -44.43 12.08 3.01
CA ASP A 888 -44.36 11.46 1.68
C ASP A 888 -42.95 11.15 1.26
N GLU A 889 -42.06 12.08 1.54
CA GLU A 889 -40.68 12.03 1.02
C GLU A 889 -39.83 11.07 1.83
N ALA A 890 -38.60 10.82 1.35
CA ALA A 890 -37.77 9.76 1.88
C ALA A 890 -36.76 10.23 2.94
N THR A 891 -36.54 9.40 3.96
CA THR A 891 -35.35 9.54 4.82
C THR A 891 -34.42 8.35 4.54
N TYR A 892 -33.12 8.61 4.41
CA TYR A 892 -32.17 7.55 4.21
C TYR A 892 -31.30 7.43 5.45
N PHE A 893 -31.05 6.19 5.88
CA PHE A 893 -30.18 5.91 7.03
C PHE A 893 -29.12 4.89 6.56
N ASP A 894 -27.90 5.02 7.08
CA ASP A 894 -26.86 4.03 6.83
C ASP A 894 -25.77 4.20 7.87
N GLU A 895 -25.17 3.09 8.28
CA GLU A 895 -23.98 3.08 9.13
C GLU A 895 -24.31 3.48 10.59
N ILE A 896 -24.71 2.49 11.38
CA ILE A 896 -25.05 2.70 12.79
C ILE A 896 -23.82 2.28 13.57
N ARG A 897 -23.12 3.26 14.17
CA ARG A 897 -21.85 2.96 14.87
C ARG A 897 -22.00 3.32 16.34
N THR A 898 -21.89 2.31 17.19
CA THR A 898 -21.89 2.42 18.65
C THR A 898 -20.49 2.17 19.22
N PHE A 899 -20.00 3.08 20.07
CA PHE A 899 -18.61 3.04 20.54
C PHE A 899 -18.39 3.86 21.82
N GLU A 900 -17.39 3.46 22.62
CA GLU A 900 -17.16 4.14 23.88
C GLU A 900 -16.80 5.59 23.60
N ASN A 901 -17.26 6.46 24.47
CA ASN A 901 -17.00 7.88 24.29
C ASN A 901 -17.16 8.55 25.64
N ASN A 902 -16.27 9.49 25.95
CA ASN A 902 -16.30 10.17 27.26
C ASN A 902 -16.54 11.69 27.18
N SER A 903 -17.36 12.13 26.21
CA SER A 903 -17.71 13.56 26.12
C SER A 903 -18.60 13.92 27.30
N SER A 904 -18.62 15.21 27.62
CA SER A 904 -19.48 15.74 28.69
C SER A 904 -20.11 17.05 28.22
N MET A 905 -20.89 16.97 27.16
CA MET A 905 -21.28 18.18 26.45
C MET A 905 -22.60 18.81 26.96
N TYR A 906 -23.38 18.05 27.74
CA TYR A 906 -24.76 18.41 28.08
C TYR A 906 -24.87 18.76 29.55
N GLY A 907 -24.78 20.05 29.87
CA GLY A 907 -24.75 20.46 31.28
C GLY A 907 -23.68 19.72 32.09
N ASP A 908 -22.50 19.61 31.49
CA ASP A 908 -21.32 18.95 32.06
C ASP A 908 -21.52 17.46 32.30
N LYS A 909 -22.54 16.90 31.67
CA LYS A 909 -22.79 15.45 31.73
C LYS A 909 -22.67 14.83 30.34
N HIS A 910 -22.46 13.51 30.31
CA HIS A 910 -22.27 12.76 29.06
C HIS A 910 -23.54 12.62 28.24
N ASP A 911 -24.64 12.23 28.89
CA ASP A 911 -25.84 11.83 28.16
C ASP A 911 -26.55 12.97 27.43
N THR A 912 -27.04 12.67 26.23
CA THR A 912 -27.95 13.58 25.54
C THR A 912 -29.00 14.12 26.49
N GLY A 913 -29.13 15.44 26.54
CA GLY A 913 -30.02 16.07 27.48
C GLY A 913 -29.93 17.58 27.48
N LYS A 914 -30.77 18.19 28.31
CA LYS A 914 -30.89 19.64 28.36
C LYS A 914 -29.74 20.17 29.19
N GLY A 915 -29.44 21.46 29.03
CA GLY A 915 -28.35 22.05 29.79
C GLY A 915 -27.45 22.84 28.87
N THR A 916 -26.54 23.60 29.46
CA THR A 916 -25.63 24.35 28.66
C THR A 916 -24.80 23.37 27.84
N PHE A 917 -24.63 23.70 26.57
CA PHE A 917 -23.88 22.87 25.64
C PHE A 917 -22.43 23.35 25.70
N LYS A 918 -21.50 22.41 25.81
CA LYS A 918 -20.07 22.76 25.76
C LYS A 918 -19.30 21.77 24.92
N GLN A 919 -18.41 22.29 24.09
CA GLN A 919 -17.45 21.48 23.32
C GLN A 919 -16.02 21.99 23.56
N ASP A 920 -15.25 21.27 24.37
CA ASP A 920 -13.82 21.57 24.61
C ASP A 920 -12.94 20.77 23.64
N PHE A 921 -13.59 19.93 22.82
CA PHE A 921 -12.96 19.08 21.80
C PHE A 921 -12.05 18.00 22.35
N GLU A 922 -12.11 17.75 23.67
CA GLU A 922 -11.18 16.80 24.31
C GLU A 922 -11.65 15.35 24.19
N ASN A 923 -12.92 15.16 23.82
CA ASN A 923 -13.53 13.84 23.81
C ASN A 923 -14.49 13.65 22.62
N VAL A 924 -14.05 14.12 21.47
CA VAL A 924 -14.88 14.05 20.27
C VAL A 924 -14.98 12.61 19.78
N ALA A 925 -16.22 12.15 19.51
CA ALA A 925 -16.42 10.81 18.95
C ALA A 925 -15.76 10.73 17.57
N GLN A 926 -16.20 11.59 16.67
CA GLN A 926 -15.44 11.80 15.41
C GLN A 926 -15.85 13.11 14.77
N GLY A 927 -15.07 13.53 13.81
CA GLY A 927 -15.36 14.73 13.04
C GLY A 927 -15.15 15.99 13.87
N ILE A 928 -15.98 16.99 13.63
CA ILE A 928 -15.80 18.30 14.26
C ILE A 928 -17.10 18.76 14.94
N PHE A 929 -17.85 17.76 15.41
CA PHE A 929 -19.12 17.96 16.10
C PHE A 929 -19.04 19.13 17.12
N PRO A 930 -20.06 19.98 17.26
CA PRO A 930 -21.36 19.92 16.56
C PRO A 930 -21.33 20.51 15.13
N PHE A 931 -20.17 20.98 14.68
CA PHE A 931 -20.03 21.42 13.30
C PHE A 931 -19.93 20.23 12.36
N VAL A 932 -20.20 20.48 11.07
CA VAL A 932 -19.83 19.56 10.00
C VAL A 932 -19.08 20.39 8.98
N VAL A 933 -18.10 19.80 8.28
CA VAL A 933 -17.33 20.56 7.29
C VAL A 933 -18.24 21.11 6.19
N GLY A 934 -17.97 22.34 5.75
CA GLY A 934 -18.73 22.97 4.69
C GLY A 934 -18.11 22.79 3.32
N GLY A 935 -18.63 23.55 2.35
CA GLY A 935 -18.28 23.38 0.93
C GLY A 935 -17.16 24.25 0.42
N VAL A 936 -16.44 24.91 1.32
CA VAL A 936 -15.28 25.79 0.97
C VAL A 936 -14.27 25.17 0.00
N GLU A 937 -14.00 23.87 0.15
CA GLU A 937 -13.09 23.21 -0.77
C GLU A 937 -13.82 22.22 -1.66
N GLY A 938 -15.14 22.28 -1.68
CA GLY A 938 -15.91 21.23 -2.35
C GLY A 938 -15.75 19.89 -1.64
N VAL A 939 -16.00 18.77 -2.33
CA VAL A 939 -15.77 17.48 -1.70
C VAL A 939 -14.24 17.25 -1.67
N GLU A 940 -13.67 17.19 -0.47
CA GLU A 940 -12.22 17.25 -0.31
C GLU A 940 -11.77 16.47 0.95
N ASP A 941 -10.49 16.15 1.03
CA ASP A 941 -9.87 15.72 2.28
C ASP A 941 -9.70 17.04 3.05
N ASN A 942 -10.77 17.42 3.78
CA ASN A 942 -10.97 18.79 4.25
C ASN A 942 -9.87 19.28 5.16
N ARG A 943 -9.43 20.51 4.92
CA ARG A 943 -8.30 21.07 5.66
C ARG A 943 -8.69 21.60 7.06
N THR A 944 -9.74 21.02 7.63
CA THR A 944 -10.13 21.34 8.99
C THR A 944 -10.13 20.00 9.75
N HIS A 945 -9.52 19.97 10.93
CA HIS A 945 -9.45 18.71 11.70
C HIS A 945 -9.20 19.02 13.16
N LEU A 946 -9.22 17.99 14.01
CA LEU A 946 -8.89 18.23 15.42
C LEU A 946 -7.37 18.27 15.59
N SER A 947 -6.85 19.42 16.00
CA SER A 947 -5.41 19.60 16.21
C SER A 947 -5.02 19.05 17.58
N GLU A 948 -3.88 18.38 17.64
CA GLU A 948 -3.35 17.75 18.83
C GLU A 948 -2.14 18.50 19.41
N LYS A 949 -2.11 18.66 20.72
CA LYS A 949 -1.07 19.47 21.32
C LYS A 949 0.22 18.67 21.44
N HIS A 950 1.34 19.31 21.15
CA HIS A 950 2.66 18.76 21.46
C HIS A 950 3.55 19.93 21.80
N ASP A 951 3.55 20.31 23.07
CA ASP A 951 4.26 21.51 23.52
C ASP A 951 5.78 21.23 23.47
N PRO A 952 6.61 22.15 22.95
CA PRO A 952 6.25 23.48 22.49
C PRO A 952 5.97 23.57 20.97
N TYR A 953 6.13 22.45 20.27
CA TYR A 953 6.21 22.46 18.81
C TYR A 953 4.95 22.94 18.10
N THR A 954 3.80 22.67 18.70
CA THR A 954 2.52 22.99 18.07
C THR A 954 2.04 24.36 18.54
N GLN A 955 2.78 24.98 19.47
CA GLN A 955 2.30 26.18 20.15
C GLN A 955 2.98 27.46 19.65
N ARG A 956 2.43 28.63 19.98
CA ARG A 956 3.05 29.93 19.64
C ARG A 956 4.53 29.92 19.97
N GLY A 957 5.33 30.49 19.08
CA GLY A 957 6.76 30.69 19.32
C GLY A 957 7.68 29.69 18.61
N TRP A 958 7.23 28.45 18.44
CA TRP A 958 8.14 27.46 17.87
C TRP A 958 8.27 27.75 16.38
N ASN A 959 9.50 27.91 15.91
CA ASN A 959 9.78 28.40 14.53
C ASN A 959 8.96 29.65 14.19
N GLY A 960 8.76 30.52 15.17
CA GLY A 960 8.11 31.80 14.90
C GLY A 960 6.60 31.70 14.75
N LYS A 961 6.04 30.56 15.16
CA LYS A 961 4.59 30.33 15.07
C LYS A 961 3.82 31.46 15.75
N LYS A 962 2.87 32.05 15.04
CA LYS A 962 2.09 33.19 15.58
C LYS A 962 0.96 32.79 16.53
N VAL A 963 0.37 31.61 16.30
CA VAL A 963 -0.90 31.20 16.95
C VAL A 963 -0.78 29.76 17.38
N ASP A 964 -1.42 29.39 18.47
CA ASP A 964 -1.37 28.01 18.99
C ASP A 964 -2.22 27.07 18.14
N ASP A 965 -1.73 25.85 17.87
CA ASP A 965 -2.59 24.81 17.30
C ASP A 965 -3.65 24.43 18.31
N VAL A 966 -3.26 24.39 19.59
CA VAL A 966 -4.19 24.01 20.62
C VAL A 966 -4.35 25.13 21.67
N ILE A 967 -5.59 25.57 21.88
CA ILE A 967 -5.91 26.67 22.79
C ILE A 967 -5.93 26.20 24.25
N GLU A 968 -6.65 25.12 24.52
CA GLU A 968 -6.68 24.59 25.86
C GLU A 968 -6.82 23.07 25.80
N GLY A 969 -6.24 22.39 26.77
CA GLY A 969 -6.31 20.92 26.82
C GLY A 969 -5.34 20.32 25.80
N ASN A 970 -5.70 19.19 25.20
CA ASN A 970 -4.85 18.56 24.20
C ASN A 970 -5.40 18.73 22.79
N TRP A 971 -6.60 19.31 22.65
CA TRP A 971 -7.29 19.35 21.34
C TRP A 971 -7.98 20.68 21.05
N SER A 972 -7.91 21.12 19.79
CA SER A 972 -8.72 22.24 19.32
C SER A 972 -9.21 21.93 17.93
N LEU A 973 -9.97 22.86 17.35
CA LEU A 973 -10.55 22.68 16.03
C LEU A 973 -9.76 23.60 15.12
N LYS A 974 -8.97 23.02 14.21
CA LYS A 974 -8.02 23.79 13.41
C LYS A 974 -8.43 23.79 11.95
N THR A 975 -8.32 24.96 11.31
CA THR A 975 -8.57 25.11 9.88
C THR A 975 -7.27 25.68 9.34
N ASN A 976 -6.70 25.02 8.34
CA ASN A 976 -5.39 25.40 7.85
C ASN A 976 -5.50 26.02 6.45
N GLY A 977 -5.18 27.31 6.34
CA GLY A 977 -4.82 27.91 5.04
C GLY A 977 -5.98 28.35 4.17
N LEU A 978 -7.21 28.23 4.70
CA LEU A 978 -8.38 28.48 3.89
C LEU A 978 -8.81 29.96 3.91
N VAL A 979 -7.88 30.81 3.53
CA VAL A 979 -8.15 32.25 3.45
C VAL A 979 -8.63 32.63 2.08
N SER A 980 -9.39 33.74 2.03
CA SER A 980 -9.80 34.37 0.76
C SER A 980 -10.66 33.49 -0.13
N ARG A 981 -11.43 32.58 0.48
CA ARG A 981 -12.22 31.63 -0.31
C ARG A 981 -13.68 32.05 -0.54
N ARG A 982 -14.18 33.03 0.22
CA ARG A 982 -15.57 33.48 0.10
C ARG A 982 -16.56 32.27 0.17
N ASN A 983 -16.47 31.52 1.26
CA ASN A 983 -17.25 30.29 1.38
C ASN A 983 -17.22 29.75 2.81
N LEU A 984 -18.17 28.84 3.09
CA LEU A 984 -18.39 28.36 4.40
C LEU A 984 -17.41 27.24 4.75
N VAL A 985 -16.71 27.41 5.88
CA VAL A 985 -15.70 26.42 6.27
C VAL A 985 -16.37 25.24 6.99
N TYR A 986 -17.33 25.57 7.85
CA TYR A 986 -18.10 24.56 8.61
C TYR A 986 -19.28 25.22 9.26
N GLN A 987 -20.28 24.43 9.66
CA GLN A 987 -21.47 24.97 10.29
C GLN A 987 -22.07 23.91 11.22
N THR A 988 -22.82 24.36 12.20
CA THR A 988 -23.67 23.41 12.96
C THR A 988 -24.80 23.00 12.03
N ILE A 989 -25.47 21.91 12.41
CA ILE A 989 -26.71 21.51 11.75
C ILE A 989 -27.65 21.17 12.90
N PRO A 990 -28.97 21.33 12.68
CA PRO A 990 -29.91 21.18 13.79
C PRO A 990 -29.84 19.82 14.52
N GLN A 991 -29.52 18.75 13.80
CA GLN A 991 -29.37 17.45 14.46
C GLN A 991 -28.20 17.38 15.43
N ASN A 992 -27.21 18.28 15.25
CA ASN A 992 -26.02 18.37 16.12
C ASN A 992 -26.20 19.41 17.21
N PHE A 993 -26.83 20.52 16.84
CA PHE A 993 -27.23 21.50 17.83
C PHE A 993 -28.39 22.30 17.24
N ARG A 994 -29.51 22.31 17.95
CA ARG A 994 -30.71 22.99 17.42
C ARG A 994 -30.93 24.32 18.10
N PHE A 995 -31.01 25.40 17.32
CA PHE A 995 -31.41 26.70 17.88
C PHE A 995 -32.92 26.72 17.81
N GLU A 996 -33.58 26.40 18.92
CA GLU A 996 -35.03 26.19 18.88
C GLU A 996 -35.76 27.45 18.49
N ALA A 997 -36.86 27.28 17.77
CA ALA A 997 -37.66 28.39 17.23
C ALA A 997 -37.91 29.44 18.31
N GLY A 998 -37.58 30.70 18.02
CA GLY A 998 -37.86 31.80 18.95
C GLY A 998 -37.08 31.88 20.25
N LYS A 999 -36.19 30.93 20.50
CA LYS A 999 -35.30 31.04 21.65
C LYS A 999 -33.99 31.75 21.30
N THR A 1000 -33.40 32.39 22.30
CA THR A 1000 -32.17 33.16 22.10
C THR A 1000 -31.05 32.53 22.89
N TYR A 1001 -29.88 32.47 22.26
CA TYR A 1001 -28.72 31.77 22.82
C TYR A 1001 -27.50 32.66 22.77
N ARG A 1002 -26.63 32.54 23.77
CA ARG A 1002 -25.31 33.10 23.67
C ARG A 1002 -24.35 32.02 23.17
N VAL A 1003 -23.64 32.33 22.08
CA VAL A 1003 -22.63 31.45 21.54
C VAL A 1003 -21.28 32.07 21.83
N THR A 1004 -20.45 31.34 22.58
CA THR A 1004 -19.13 31.80 22.95
C THR A 1004 -18.06 30.78 22.56
N PHE A 1005 -16.90 31.27 22.18
CA PHE A 1005 -15.77 30.39 21.97
C PHE A 1005 -14.48 31.17 22.09
N GLU A 1006 -13.39 30.45 22.29
CA GLU A 1006 -12.06 31.02 22.15
C GLU A 1006 -11.52 30.69 20.77
N TYR A 1007 -10.69 31.58 20.23
CA TYR A 1007 -10.19 31.38 18.89
C TYR A 1007 -8.78 31.99 18.74
N GLU A 1008 -8.02 31.41 17.82
CA GLU A 1008 -6.77 31.99 17.32
C GLU A 1008 -7.04 32.30 15.86
N ALA A 1009 -6.63 33.46 15.39
CA ALA A 1009 -6.66 33.74 13.95
C ALA A 1009 -5.33 34.41 13.59
N GLY A 1010 -4.73 33.97 12.49
CA GLY A 1010 -3.40 34.43 12.13
C GLY A 1010 -3.42 35.81 11.45
N SER A 1011 -4.59 36.21 10.92
CA SER A 1011 -4.74 37.55 10.28
C SER A 1011 -6.10 38.17 10.56
N ASP A 1012 -6.18 39.48 10.32
CA ASP A 1012 -7.42 40.22 10.54
C ASP A 1012 -8.45 39.93 9.48
N ASN A 1013 -9.66 39.57 9.92
CA ASN A 1013 -10.84 39.47 9.07
C ASN A 1013 -10.73 38.49 7.90
N THR A 1014 -9.84 37.50 8.02
CA THR A 1014 -9.78 36.41 7.04
C THR A 1014 -10.92 35.41 7.30
N TYR A 1015 -11.24 35.24 8.58
CA TYR A 1015 -12.33 34.35 8.94
C TYR A 1015 -13.43 35.15 9.67
N ALA A 1016 -14.69 34.71 9.52
CA ALA A 1016 -15.79 35.35 10.24
C ALA A 1016 -16.68 34.33 10.88
N PHE A 1017 -17.18 34.66 12.05
CA PHE A 1017 -18.30 33.93 12.61
C PHE A 1017 -19.58 34.31 11.88
N VAL A 1018 -20.36 33.30 11.48
CA VAL A 1018 -21.56 33.56 10.72
C VAL A 1018 -22.79 32.88 11.31
N VAL A 1019 -23.93 33.50 11.07
CA VAL A 1019 -25.22 32.95 11.44
C VAL A 1019 -26.06 32.85 10.18
N GLY A 1020 -26.60 31.65 9.95
CA GLY A 1020 -27.40 31.39 8.79
C GLY A 1020 -28.65 30.60 9.13
N LYS A 1021 -29.44 30.27 8.12
CA LYS A 1021 -30.56 29.32 8.29
C LYS A 1021 -30.84 28.62 6.97
N GLY A 1022 -31.24 27.36 7.05
CA GLY A 1022 -31.54 26.57 5.88
C GLY A 1022 -30.27 26.17 5.18
N GLU A 1023 -30.41 25.72 3.94
CA GLU A 1023 -29.27 25.24 3.20
C GLU A 1023 -28.42 26.41 2.68
N PHE A 1024 -27.12 26.34 2.96
CA PHE A 1024 -26.22 27.38 2.50
C PHE A 1024 -26.00 27.37 0.98
N GLN A 1025 -26.06 28.55 0.34
CA GLN A 1025 -25.65 28.72 -1.07
C GLN A 1025 -24.59 29.83 -1.13
N SER A 1026 -23.49 29.58 -1.83
CA SER A 1026 -22.36 30.55 -1.87
C SER A 1026 -22.46 31.73 -2.87
N GLN A 1032 -28.08 32.87 -6.40
CA GLN A 1032 -28.36 33.73 -5.25
C GLN A 1032 -27.62 33.23 -4.02
N ALA A 1033 -26.70 34.05 -3.51
CA ALA A 1033 -25.96 33.71 -2.29
C ALA A 1033 -26.95 33.70 -1.15
N SER A 1034 -26.87 32.74 -0.24
CA SER A 1034 -27.79 32.82 0.88
C SER A 1034 -27.43 33.96 1.85
N ASN A 1035 -28.40 34.40 2.62
CA ASN A 1035 -28.19 35.52 3.51
C ASN A 1035 -27.38 35.08 4.73
N LEU A 1036 -26.30 35.79 5.03
CA LEU A 1036 -25.52 35.46 6.24
C LEU A 1036 -25.28 36.66 7.11
N GLU A 1037 -25.42 36.48 8.41
CA GLU A 1037 -25.00 37.50 9.34
C GLU A 1037 -23.51 37.28 9.63
N MET A 1038 -22.68 38.22 9.22
CA MET A 1038 -21.22 38.04 9.31
C MET A 1038 -20.57 38.83 10.43
N HIS A 1039 -19.63 38.21 11.15
CA HIS A 1039 -18.89 38.85 12.24
C HIS A 1039 -17.41 38.59 12.00
N GLU A 1040 -16.73 39.51 11.31
CA GLU A 1040 -15.32 39.31 10.98
CA GLU A 1040 -15.33 39.31 10.95
C GLU A 1040 -14.49 39.24 12.23
N LEU A 1041 -13.47 38.39 12.24
CA LEU A 1041 -12.70 38.24 13.47
C LEU A 1041 -11.30 38.81 13.32
N PRO A 1042 -10.82 39.58 14.32
CA PRO A 1042 -9.44 40.10 14.24
C PRO A 1042 -8.43 39.04 14.52
N ASN A 1043 -7.17 39.27 14.09
CA ASN A 1043 -6.05 38.40 14.45
C ASN A 1043 -5.90 38.43 15.96
N THR A 1044 -5.31 37.37 16.52
CA THR A 1044 -5.31 37.19 17.96
C THR A 1044 -3.94 37.28 18.56
N TRP A 1045 -2.93 37.72 17.78
CA TRP A 1045 -1.54 37.70 18.24
C TRP A 1045 -0.84 39.06 18.29
N THR A 1046 -1.26 40.01 17.48
CA THR A 1046 -0.48 41.27 17.48
C THR A 1046 -0.62 42.04 18.79
N ASP A 1047 -1.79 41.91 19.42
CA ASP A 1047 -2.11 42.64 20.63
C ASP A 1047 -2.61 41.69 21.72
N SER A 1048 -2.26 40.42 21.60
CA SER A 1048 -2.68 39.46 22.61
C SER A 1048 -1.68 38.30 22.69
N LYS A 1049 -1.49 37.77 23.89
CA LYS A 1049 -0.58 36.65 24.12
C LYS A 1049 -1.23 35.27 23.99
N LYS A 1050 -2.52 35.23 23.72
CA LYS A 1050 -3.26 33.97 23.64
C LYS A 1050 -4.57 34.19 22.91
N ALA A 1051 -5.27 33.09 22.66
CA ALA A 1051 -6.59 33.13 22.05
C ALA A 1051 -7.47 34.25 22.61
N LYS A 1052 -8.25 34.86 21.73
CA LYS A 1052 -9.28 35.82 22.13
C LYS A 1052 -10.63 35.14 22.33
N LYS A 1053 -11.53 35.85 23.01
CA LYS A 1053 -12.90 35.33 23.25
C LYS A 1053 -13.87 36.01 22.32
N ALA A 1054 -14.73 35.24 21.67
CA ALA A 1054 -15.79 35.80 20.87
C ALA A 1054 -17.12 35.38 21.45
N THR A 1055 -18.10 36.29 21.40
CA THR A 1055 -19.43 35.94 21.90
C THR A 1055 -20.52 36.64 21.11
N PHE A 1056 -21.62 35.92 20.86
CA PHE A 1056 -22.66 36.43 19.94
C PHE A 1056 -24.01 35.97 20.44
N LEU A 1057 -25.04 36.80 20.22
CA LEU A 1057 -26.39 36.38 20.55
C LEU A 1057 -27.05 35.89 19.29
N VAL A 1058 -27.72 34.75 19.37
CA VAL A 1058 -28.30 34.15 18.18
C VAL A 1058 -29.71 33.73 18.55
N THR A 1059 -30.69 34.20 17.77
CA THR A 1059 -32.09 33.78 17.99
C THR A 1059 -32.49 32.77 16.92
N GLY A 1060 -33.07 31.66 17.34
CA GLY A 1060 -33.44 30.60 16.40
C GLY A 1060 -34.60 31.04 15.53
N ALA A 1061 -34.45 30.84 14.21
CA ALA A 1061 -35.53 31.15 13.27
C ALA A 1061 -36.73 30.28 13.62
N GLU A 1062 -37.96 30.74 13.34
CA GLU A 1062 -39.17 29.96 13.69
C GLU A 1062 -39.25 28.65 12.92
N THR A 1063 -38.62 28.62 11.75
CA THR A 1063 -38.54 27.39 10.95
C THR A 1063 -37.55 26.37 11.53
N GLY A 1064 -36.86 26.70 12.63
CA GLY A 1064 -36.06 25.68 13.35
C GLY A 1064 -34.70 25.37 12.72
N ASP A 1065 -34.36 26.09 11.67
CA ASP A 1065 -33.18 25.71 10.86
C ASP A 1065 -32.02 26.71 10.93
N THR A 1066 -31.93 27.41 12.05
CA THR A 1066 -30.81 28.29 12.28
C THR A 1066 -29.53 27.48 12.57
N TRP A 1067 -28.40 28.02 12.15
CA TRP A 1067 -27.11 27.40 12.47
C TRP A 1067 -26.07 28.51 12.54
N VAL A 1068 -24.89 28.16 13.04
CA VAL A 1068 -23.77 29.08 13.11
C VAL A 1068 -22.52 28.34 12.59
N GLY A 1069 -21.48 29.09 12.23
CA GLY A 1069 -20.26 28.48 11.72
C GLY A 1069 -19.18 29.49 11.47
N ILE A 1070 -18.19 29.07 10.70
CA ILE A 1070 -17.05 29.89 10.37
C ILE A 1070 -16.98 29.96 8.85
N TYR A 1071 -16.74 31.17 8.35
CA TYR A 1071 -16.79 31.49 6.95
C TYR A 1071 -15.43 32.11 6.54
N SER A 1072 -14.92 31.68 5.39
CA SER A 1072 -13.68 32.25 4.82
C SER A 1072 -14.08 33.47 4.01
N THR A 1073 -13.65 34.66 4.47
CA THR A 1073 -14.05 35.91 3.81
C THR A 1073 -13.37 36.08 2.46
N GLY A 1074 -13.63 37.21 1.79
CA GLY A 1074 -12.85 37.56 0.61
C GLY A 1074 -11.58 38.33 0.95
N ASN A 1075 -11.28 38.53 2.22
CA ASN A 1075 -10.13 39.38 2.57
C ASN A 1075 -8.78 38.66 2.46
N ALA A 1076 -7.78 39.36 1.91
CA ALA A 1076 -6.42 38.86 1.83
C ALA A 1076 -5.83 38.76 3.24
N SER A 1077 -5.00 37.74 3.45
CA SER A 1077 -4.30 37.56 4.73
C SER A 1077 -3.05 38.44 4.71
N ASN A 1078 -2.43 38.58 5.86
CA ASN A 1078 -1.20 39.32 5.98
C ASN A 1078 -0.16 38.38 6.51
N THR A 1079 0.81 38.03 5.66
CA THR A 1079 1.88 37.13 6.13
C THR A 1079 3.12 37.86 6.64
N ARG A 1080 2.98 39.17 6.87
CA ARG A 1080 3.98 39.96 7.61
C ARG A 1080 5.39 39.82 7.01
N GLY A 1081 5.46 39.67 5.68
CA GLY A 1081 6.76 39.62 4.98
C GLY A 1081 7.27 38.21 4.76
N ASP A 1082 6.61 37.24 5.40
CA ASP A 1082 7.01 35.82 5.28
C ASP A 1082 6.42 35.25 3.99
N SER A 1083 7.05 34.23 3.43
CA SER A 1083 6.47 33.55 2.27
C SER A 1083 6.78 32.05 2.35
N GLY A 1084 6.30 31.28 1.37
CA GLY A 1084 6.67 29.86 1.27
C GLY A 1084 6.28 29.04 2.50
N GLY A 1085 7.11 28.07 2.86
CA GLY A 1085 6.85 27.24 4.03
C GLY A 1085 6.77 28.01 5.35
N ASN A 1086 7.58 29.06 5.50
CA ASN A 1086 7.52 29.93 6.69
C ASN A 1086 6.13 30.53 6.92
N ALA A 1087 5.55 31.12 5.87
CA ALA A 1087 4.20 31.69 5.95
C ALA A 1087 3.16 30.61 6.26
N ASN A 1088 3.29 29.45 5.63
CA ASN A 1088 2.36 28.34 5.90
C ASN A 1088 2.53 27.85 7.33
N PHE A 1089 3.77 27.68 7.77
CA PHE A 1089 3.99 27.15 9.12
C PHE A 1089 3.46 28.03 10.24
N ARG A 1090 3.65 29.34 10.07
CA ARG A 1090 3.50 30.28 11.18
C ARG A 1090 2.04 30.64 11.48
N GLY A 1091 1.12 30.21 10.63
CA GLY A 1091 -0.28 30.34 10.99
C GLY A 1091 -1.02 31.61 10.57
N TYR A 1092 -0.36 32.50 9.83
CA TYR A 1092 -1.04 33.67 9.24
C TYR A 1092 -2.39 33.32 8.63
N ASN A 1093 -2.44 32.17 7.97
CA ASN A 1093 -3.62 31.79 7.20
C ASN A 1093 -4.57 30.85 7.92
N ASP A 1094 -4.38 30.66 9.22
CA ASP A 1094 -5.14 29.64 9.95
C ASP A 1094 -6.19 30.21 10.88
N PHE A 1095 -7.04 29.31 11.35
CA PHE A 1095 -8.08 29.65 12.30
C PHE A 1095 -8.26 28.47 13.22
N MET A 1096 -8.17 28.70 14.53
CA MET A 1096 -8.40 27.64 15.52
C MET A 1096 -9.52 28.03 16.47
N MET A 1097 -10.38 27.07 16.80
CA MET A 1097 -11.42 27.30 17.80
C MET A 1097 -11.31 26.32 18.95
N ASP A 1098 -11.69 26.74 20.16
CA ASP A 1098 -11.77 25.82 21.29
C ASP A 1098 -12.84 26.30 22.26
N ASN A 1099 -13.23 25.43 23.20
CA ASN A 1099 -14.09 25.89 24.29
C ASN A 1099 -15.36 26.58 23.78
N LEU A 1100 -16.04 25.90 22.86
CA LEU A 1100 -17.37 26.34 22.43
C LEU A 1100 -18.37 26.17 23.56
N GLN A 1101 -19.20 27.19 23.74
CA GLN A 1101 -20.32 27.09 24.69
C GLN A 1101 -21.56 27.74 24.10
N ILE A 1102 -22.70 27.05 24.20
CA ILE A 1102 -23.92 27.65 23.71
C ILE A 1102 -24.96 27.49 24.82
N GLU A 1103 -25.51 28.62 25.27
CA GLU A 1103 -26.49 28.57 26.34
C GLU A 1103 -27.68 29.47 26.04
N GLU A 1104 -28.86 28.99 26.41
CA GLU A 1104 -30.05 29.81 26.25
C GLU A 1104 -30.05 30.99 27.23
N ILE A 1105 -30.48 32.16 26.78
CA ILE A 1105 -30.57 33.32 27.66
C ILE A 1105 -31.99 33.91 27.68
#